data_1AKM
#
_entry.id   1AKM
#
_cell.length_a   104.600
_cell.length_b   104.600
_cell.length_c   86.700
_cell.angle_alpha   90.00
_cell.angle_beta   90.00
_cell.angle_gamma   120.00
#
_symmetry.space_group_name_H-M   'P 32'
#
_entity_poly.entity_id   1
_entity_poly.type   'polypeptide(L)'
_entity_poly.pdbx_seq_one_letter_code
;SGFYHKHFLKLLDFTPAELNSLLQLAAKLKADKKSGKEEAKLTGKNIALIFEKDSTRTRCSFEVAAYDQGARVTYLGPSG
SQIGHKESIKDTARVLGRMYDGIQYRGYGQEIVETLAEYASVPVWNGLTNEFHPTQLLADLLTMQEHLPGKAFNEMTLVY
AGDARNNMGNSMLEAAALTGLDLRLVAPQACWPEAALVTECRALAQQNGGNITLTEDVAKGVEGADFIYTDVWVSMGEAK
EKWAERIALLREYQVNSKMMQLTGNPEVKFLHCLPAFHDDQTTLGKKMAEEFGLHGGMEVTDEVFESAASIVFDQAENRM
HTIKAVMVATLSK
;
_entity_poly.pdbx_strand_id   A,B,C
#
# COMPACT_ATOMS: atom_id res chain seq x y z
N SER A 1 -20.79 -26.39 10.76
CA SER A 1 -19.81 -27.29 10.25
C SER A 1 -18.61 -26.40 10.21
N GLY A 2 -17.46 -26.92 10.61
CA GLY A 2 -16.14 -26.30 10.72
C GLY A 2 -15.97 -25.10 9.83
N PHE A 3 -15.66 -23.98 10.46
CA PHE A 3 -15.38 -22.77 9.71
C PHE A 3 -14.03 -22.93 9.01
N TYR A 4 -13.21 -23.93 9.40
CA TYR A 4 -11.89 -24.07 8.88
C TYR A 4 -11.89 -24.35 7.39
N HIS A 5 -11.19 -23.42 6.78
CA HIS A 5 -11.00 -23.23 5.36
C HIS A 5 -12.26 -22.98 4.54
N LYS A 6 -13.32 -22.58 5.21
CA LYS A 6 -14.50 -22.16 4.54
C LYS A 6 -14.26 -20.74 4.02
N HIS A 7 -15.03 -20.41 3.01
CA HIS A 7 -15.09 -19.09 2.45
C HIS A 7 -16.10 -18.25 3.25
N PHE A 8 -16.34 -16.97 2.94
CA PHE A 8 -17.40 -16.24 3.63
C PHE A 8 -17.86 -15.37 2.51
N LEU A 9 -18.87 -15.87 1.80
CA LEU A 9 -19.40 -15.23 0.60
C LEU A 9 -20.81 -14.70 0.73
N LYS A 10 -21.58 -15.10 1.75
CA LYS A 10 -22.92 -14.56 2.01
C LYS A 10 -23.35 -15.18 3.32
N LEU A 11 -24.30 -14.59 4.06
CA LEU A 11 -24.65 -15.13 5.36
C LEU A 11 -25.40 -16.42 5.24
N LEU A 12 -26.31 -16.58 4.28
CA LEU A 12 -27.08 -17.80 4.23
C LEU A 12 -26.32 -19.07 3.95
N ASP A 13 -25.00 -19.03 3.63
CA ASP A 13 -24.27 -20.26 3.51
C ASP A 13 -23.94 -20.74 4.90
N PHE A 14 -24.39 -20.13 5.99
CA PHE A 14 -24.05 -20.59 7.33
C PHE A 14 -25.31 -20.94 8.11
N THR A 15 -25.29 -21.78 9.14
CA THR A 15 -26.50 -22.04 9.92
C THR A 15 -26.60 -20.96 10.98
N PRO A 16 -27.71 -20.69 11.65
CA PRO A 16 -27.73 -19.83 12.82
C PRO A 16 -26.74 -20.25 13.90
N ALA A 17 -26.41 -21.54 14.04
CA ALA A 17 -25.48 -21.92 15.10
C ALA A 17 -24.07 -21.54 14.67
N GLU A 18 -23.78 -21.57 13.37
CA GLU A 18 -22.49 -21.15 12.89
C GLU A 18 -22.41 -19.65 13.10
N LEU A 19 -23.41 -18.89 12.61
CA LEU A 19 -23.43 -17.45 12.82
C LEU A 19 -23.20 -17.15 14.27
N ASN A 20 -23.95 -17.74 15.19
CA ASN A 20 -23.82 -17.45 16.61
C ASN A 20 -22.40 -17.66 17.13
N SER A 21 -21.76 -18.70 16.59
CA SER A 21 -20.39 -19.03 16.91
C SER A 21 -19.46 -17.92 16.41
N LEU A 22 -19.55 -17.47 15.15
CA LEU A 22 -18.75 -16.34 14.70
C LEU A 22 -18.96 -15.17 15.65
N LEU A 23 -20.21 -14.75 15.87
CA LEU A 23 -20.53 -13.65 16.75
C LEU A 23 -19.90 -13.85 18.13
N GLN A 24 -19.90 -15.04 18.73
CA GLN A 24 -19.26 -15.16 20.04
C GLN A 24 -17.75 -15.07 19.93
N LEU A 25 -17.15 -15.61 18.85
CA LEU A 25 -15.71 -15.51 18.68
C LEU A 25 -15.29 -14.04 18.58
N ALA A 26 -16.11 -13.24 17.87
CA ALA A 26 -15.91 -11.80 17.66
C ALA A 26 -15.90 -11.02 18.98
N ALA A 27 -16.76 -11.50 19.87
CA ALA A 27 -16.87 -10.94 21.20
C ALA A 27 -15.72 -11.40 22.08
N LYS A 28 -15.20 -12.63 22.06
CA LYS A 28 -14.05 -12.99 22.89
C LYS A 28 -12.83 -12.19 22.47
N LEU A 29 -12.60 -12.10 21.14
CA LEU A 29 -11.46 -11.39 20.63
C LEU A 29 -11.58 -9.90 20.94
N LYS A 30 -12.79 -9.29 20.91
CA LYS A 30 -12.95 -7.89 21.30
C LYS A 30 -12.52 -7.73 22.75
N ALA A 31 -13.05 -8.54 23.66
CA ALA A 31 -12.70 -8.44 25.05
C ALA A 31 -11.23 -8.70 25.26
N ASP A 32 -10.61 -9.58 24.50
CA ASP A 32 -9.22 -9.90 24.68
C ASP A 32 -8.27 -8.77 24.27
N LYS A 33 -8.60 -8.01 23.18
CA LYS A 33 -7.76 -6.91 22.68
C LYS A 33 -7.88 -5.82 23.75
N LYS A 34 -9.13 -5.49 24.07
CA LYS A 34 -9.37 -4.48 25.06
C LYS A 34 -8.73 -4.80 26.42
N SER A 35 -8.66 -6.08 26.80
CA SER A 35 -8.06 -6.42 28.05
C SER A 35 -6.55 -6.60 27.95
N GLY A 36 -5.99 -6.63 26.76
CA GLY A 36 -4.54 -6.79 26.60
C GLY A 36 -4.06 -8.24 26.54
N LYS A 37 -4.93 -9.25 26.32
CA LYS A 37 -4.40 -10.59 26.24
C LYS A 37 -5.00 -11.38 25.08
N GLU A 38 -4.77 -10.74 23.93
CA GLU A 38 -5.15 -11.29 22.65
C GLU A 38 -4.16 -12.37 22.25
N GLU A 39 -4.68 -13.55 21.89
CA GLU A 39 -3.85 -14.60 21.38
C GLU A 39 -3.85 -14.54 19.88
N ALA A 40 -2.77 -14.02 19.35
CA ALA A 40 -2.56 -13.94 17.94
C ALA A 40 -2.53 -15.32 17.37
N LYS A 41 -3.56 -15.73 16.62
CA LYS A 41 -3.59 -17.07 16.06
C LYS A 41 -3.27 -17.17 14.61
N LEU A 42 -2.89 -16.08 13.96
CA LEU A 42 -2.58 -16.08 12.54
C LEU A 42 -1.13 -15.63 12.32
N THR A 43 -0.22 -15.93 13.24
CA THR A 43 1.12 -15.40 13.20
C THR A 43 2.04 -15.74 12.02
N GLY A 44 1.59 -16.35 10.95
CA GLY A 44 2.48 -16.60 9.85
C GLY A 44 1.81 -16.46 8.53
N LYS A 45 0.50 -16.12 8.59
CA LYS A 45 -0.42 -16.07 7.47
C LYS A 45 -0.21 -14.83 6.63
N ASN A 46 -0.34 -14.94 5.30
CA ASN A 46 -0.26 -13.78 4.46
C ASN A 46 -1.61 -13.68 3.79
N ILE A 47 -2.30 -12.57 3.94
CA ILE A 47 -3.62 -12.36 3.40
C ILE A 47 -3.52 -11.35 2.28
N ALA A 48 -4.30 -11.50 1.23
CA ALA A 48 -4.35 -10.55 0.11
C ALA A 48 -5.68 -9.85 0.11
N LEU A 49 -5.70 -8.53 -0.02
CA LEU A 49 -6.92 -7.78 0.07
C LEU A 49 -7.16 -7.18 -1.27
N ILE A 50 -8.02 -7.75 -2.10
CA ILE A 50 -8.32 -7.22 -3.42
C ILE A 50 -9.52 -6.31 -3.20
N PHE A 51 -9.35 -5.08 -3.64
CA PHE A 51 -10.39 -4.08 -3.57
C PHE A 51 -10.55 -3.57 -5.00
N GLU A 52 -11.55 -4.06 -5.72
CA GLU A 52 -11.82 -3.55 -7.05
C GLU A 52 -12.43 -2.15 -7.02
N LYS A 53 -13.10 -1.88 -5.91
CA LYS A 53 -13.65 -0.57 -5.67
C LYS A 53 -13.26 -0.29 -4.23
N ASP A 54 -12.96 0.99 -4.04
CA ASP A 54 -12.54 1.44 -2.75
C ASP A 54 -13.46 1.23 -1.59
N SER A 55 -12.81 1.44 -0.46
CA SER A 55 -13.47 1.45 0.84
C SER A 55 -12.39 1.74 1.86
N THR A 56 -12.43 2.96 2.42
CA THR A 56 -11.46 3.34 3.48
C THR A 56 -11.53 2.31 4.61
N ARG A 57 -12.82 2.04 4.99
CA ARG A 57 -13.26 1.21 6.11
C ARG A 57 -13.01 -0.25 6.16
N THR A 58 -13.40 -0.94 5.07
CA THR A 58 -13.17 -2.37 5.04
C THR A 58 -11.66 -2.59 5.03
N ARG A 59 -10.87 -1.83 4.26
CA ARG A 59 -9.42 -2.01 4.26
C ARG A 59 -8.85 -1.92 5.68
N CYS A 60 -9.17 -0.81 6.36
CA CYS A 60 -8.73 -0.61 7.72
C CYS A 60 -9.19 -1.78 8.60
N SER A 61 -10.46 -2.22 8.61
CA SER A 61 -10.84 -3.34 9.48
C SER A 61 -10.06 -4.62 9.16
N PHE A 62 -9.81 -4.87 7.87
CA PHE A 62 -9.12 -6.08 7.49
C PHE A 62 -7.63 -5.99 7.80
N GLU A 63 -7.03 -4.81 7.69
CA GLU A 63 -5.64 -4.64 8.03
C GLU A 63 -5.47 -4.69 9.51
N VAL A 64 -6.18 -3.94 10.37
CA VAL A 64 -6.01 -3.99 11.81
C VAL A 64 -6.31 -5.36 12.39
N ALA A 65 -7.36 -5.98 11.89
CA ALA A 65 -7.72 -7.31 12.33
C ALA A 65 -6.64 -8.32 12.07
N ALA A 66 -6.15 -8.41 10.84
CA ALA A 66 -5.08 -9.30 10.46
C ALA A 66 -3.84 -9.12 11.31
N TYR A 67 -3.38 -7.87 11.37
CA TYR A 67 -2.19 -7.47 12.10
C TYR A 67 -2.18 -7.77 13.58
N ASP A 68 -3.29 -7.56 14.28
CA ASP A 68 -3.41 -7.91 15.68
C ASP A 68 -3.20 -9.38 15.89
N GLN A 69 -3.61 -10.20 14.93
CA GLN A 69 -3.42 -11.64 15.01
C GLN A 69 -2.11 -12.14 14.43
N GLY A 70 -1.21 -11.30 13.96
CA GLY A 70 0.09 -11.73 13.49
C GLY A 70 0.23 -11.94 12.00
N ALA A 71 -0.77 -11.60 11.19
CA ALA A 71 -0.69 -11.86 9.76
C ALA A 71 -0.20 -10.62 9.03
N ARG A 72 0.35 -10.77 7.86
CA ARG A 72 0.78 -9.65 7.11
C ARG A 72 -0.18 -9.52 5.94
N VAL A 73 -0.45 -8.27 5.51
CA VAL A 73 -1.46 -7.98 4.51
C VAL A 73 -0.85 -7.47 3.22
N THR A 74 -1.33 -7.85 2.01
CA THR A 74 -0.90 -7.23 0.76
C THR A 74 -2.13 -6.57 0.20
N TYR A 75 -2.25 -5.25 0.26
CA TYR A 75 -3.39 -4.58 -0.27
C TYR A 75 -3.27 -4.37 -1.78
N LEU A 76 -4.22 -4.91 -2.53
CA LEU A 76 -4.28 -4.81 -3.96
C LEU A 76 -5.48 -3.91 -4.26
N GLY A 77 -5.25 -2.62 -4.46
CA GLY A 77 -6.31 -1.65 -4.67
C GLY A 77 -6.73 -1.43 -6.11
N PRO A 78 -7.79 -0.65 -6.33
CA PRO A 78 -8.30 -0.38 -7.66
C PRO A 78 -7.20 0.36 -8.39
N SER A 79 -6.44 -0.40 -9.21
CA SER A 79 -5.32 0.25 -9.92
C SER A 79 -4.97 -0.65 -11.12
N GLY A 80 -4.95 -1.98 -10.91
CA GLY A 80 -4.67 -2.84 -12.04
C GLY A 80 -6.01 -2.88 -12.83
N SER A 81 -6.01 -3.20 -14.14
CA SER A 81 -7.28 -3.51 -14.87
C SER A 81 -8.01 -4.56 -13.99
N GLN A 82 -9.34 -4.43 -13.81
CA GLN A 82 -9.94 -5.38 -12.93
C GLN A 82 -10.26 -6.76 -13.47
N ILE A 83 -10.11 -7.69 -12.51
CA ILE A 83 -10.19 -9.14 -12.72
C ILE A 83 -11.30 -9.54 -13.69
N GLY A 84 -10.89 -10.06 -14.87
CA GLY A 84 -11.81 -10.36 -15.97
C GLY A 84 -11.40 -9.56 -17.22
N HIS A 85 -10.71 -8.42 -17.05
CA HIS A 85 -10.32 -7.59 -18.17
C HIS A 85 -9.15 -8.17 -18.94
N LYS A 86 -7.97 -8.31 -18.32
CA LYS A 86 -6.83 -8.88 -19.05
C LYS A 86 -6.54 -10.34 -18.61
N GLU A 87 -7.03 -10.80 -17.44
CA GLU A 87 -6.67 -12.15 -17.01
C GLU A 87 -7.88 -12.75 -16.37
N SER A 88 -7.97 -14.08 -16.58
CA SER A 88 -9.10 -14.87 -16.22
C SER A 88 -9.32 -14.86 -14.70
N ILE A 89 -10.56 -14.86 -14.13
CA ILE A 89 -10.79 -14.98 -12.67
C ILE A 89 -10.11 -16.28 -12.29
N LYS A 90 -10.34 -17.31 -13.10
CA LYS A 90 -9.73 -18.63 -12.97
C LYS A 90 -8.20 -18.58 -12.90
N ASP A 91 -7.51 -17.69 -13.58
CA ASP A 91 -6.05 -17.57 -13.43
C ASP A 91 -5.60 -16.65 -12.29
N THR A 92 -6.24 -15.50 -12.07
CA THR A 92 -5.97 -14.64 -10.94
C THR A 92 -6.06 -15.48 -9.68
N ALA A 93 -7.20 -16.12 -9.39
CA ALA A 93 -7.39 -16.98 -8.23
C ALA A 93 -6.29 -18.02 -8.09
N ARG A 94 -6.10 -18.85 -9.11
CA ARG A 94 -5.09 -19.88 -9.12
C ARG A 94 -3.66 -19.42 -8.79
N VAL A 95 -3.27 -18.21 -9.19
CA VAL A 95 -1.95 -17.73 -8.87
C VAL A 95 -1.99 -17.29 -7.42
N LEU A 96 -3.02 -16.56 -7.02
CA LEU A 96 -3.08 -15.98 -5.69
C LEU A 96 -3.01 -17.05 -4.63
N GLY A 97 -3.72 -18.15 -4.81
CA GLY A 97 -3.76 -19.20 -3.81
C GLY A 97 -2.45 -19.89 -3.64
N ARG A 98 -1.51 -19.70 -4.59
CA ARG A 98 -0.18 -20.27 -4.48
C ARG A 98 0.67 -19.47 -3.50
N MET A 99 0.30 -18.24 -3.23
CA MET A 99 1.08 -17.41 -2.36
C MET A 99 0.47 -16.99 -1.05
N TYR A 100 -0.84 -16.70 -1.08
CA TYR A 100 -1.52 -16.18 0.08
C TYR A 100 -2.35 -17.26 0.70
N ASP A 101 -2.53 -17.09 1.99
CA ASP A 101 -3.24 -18.00 2.84
C ASP A 101 -4.72 -17.73 2.89
N GLY A 102 -5.20 -16.57 2.43
CA GLY A 102 -6.61 -16.16 2.45
C GLY A 102 -6.80 -14.94 1.56
N ILE A 103 -7.92 -14.72 0.89
CA ILE A 103 -8.04 -13.60 0.00
C ILE A 103 -9.26 -12.81 0.41
N GLN A 104 -9.25 -11.51 0.65
CA GLN A 104 -10.49 -10.76 0.81
C GLN A 104 -10.79 -10.21 -0.58
N TYR A 105 -12.06 -10.20 -1.02
CA TYR A 105 -12.42 -9.59 -2.28
C TYR A 105 -13.53 -8.61 -2.02
N ARG A 106 -13.39 -7.39 -2.52
CA ARG A 106 -14.45 -6.41 -2.51
C ARG A 106 -14.56 -5.89 -3.95
N GLY A 107 -15.76 -5.88 -4.53
CA GLY A 107 -15.86 -5.39 -5.88
C GLY A 107 -17.29 -5.38 -6.41
N TYR A 108 -17.34 -6.10 -7.53
CA TYR A 108 -18.51 -6.23 -8.35
C TYR A 108 -19.49 -7.37 -8.04
N GLY A 109 -19.84 -8.23 -8.99
CA GLY A 109 -20.89 -9.19 -8.75
C GLY A 109 -20.49 -10.31 -7.82
N GLN A 110 -21.48 -11.04 -7.34
CA GLN A 110 -21.20 -12.18 -6.50
C GLN A 110 -20.59 -13.26 -7.36
N GLU A 111 -20.71 -13.20 -8.68
CA GLU A 111 -20.09 -14.20 -9.55
C GLU A 111 -18.60 -14.13 -9.38
N ILE A 112 -18.00 -12.96 -9.32
CA ILE A 112 -16.58 -12.91 -9.20
C ILE A 112 -16.11 -13.53 -7.88
N VAL A 113 -16.74 -13.25 -6.73
CA VAL A 113 -16.32 -13.84 -5.46
C VAL A 113 -16.49 -15.32 -5.52
N GLU A 114 -17.63 -15.79 -6.04
CA GLU A 114 -17.93 -17.19 -6.10
C GLU A 114 -16.94 -17.90 -7.02
N THR A 115 -16.39 -17.27 -8.07
CA THR A 115 -15.44 -17.92 -8.93
C THR A 115 -14.06 -17.85 -8.33
N LEU A 116 -13.66 -16.76 -7.69
CA LEU A 116 -12.37 -16.68 -7.01
C LEU A 116 -12.31 -17.73 -5.94
N ALA A 117 -13.42 -17.90 -5.23
CA ALA A 117 -13.51 -18.92 -4.21
C ALA A 117 -13.32 -20.29 -4.78
N GLU A 118 -13.87 -20.53 -5.97
CA GLU A 118 -13.86 -21.82 -6.62
C GLU A 118 -12.45 -22.18 -7.02
N TYR A 119 -11.65 -21.23 -7.50
CA TYR A 119 -10.34 -21.61 -7.98
C TYR A 119 -9.15 -21.32 -7.10
N ALA A 120 -9.13 -20.32 -6.25
CA ALA A 120 -7.99 -20.10 -5.38
C ALA A 120 -8.30 -21.05 -4.26
N SER A 121 -7.52 -22.07 -3.98
CA SER A 121 -8.00 -22.98 -2.94
C SER A 121 -7.84 -22.50 -1.50
N VAL A 122 -7.71 -21.19 -1.26
CA VAL A 122 -7.57 -20.59 0.07
C VAL A 122 -8.94 -20.04 0.43
N PRO A 123 -9.33 -19.81 1.67
CA PRO A 123 -10.57 -19.08 1.95
C PRO A 123 -10.59 -17.68 1.32
N VAL A 124 -11.77 -17.30 0.83
CA VAL A 124 -12.06 -16.02 0.19
C VAL A 124 -13.17 -15.43 1.03
N TRP A 125 -12.91 -14.22 1.54
CA TRP A 125 -13.81 -13.47 2.41
C TRP A 125 -14.52 -12.45 1.57
N ASN A 126 -15.83 -12.19 1.66
CA ASN A 126 -16.51 -11.19 0.82
C ASN A 126 -16.73 -9.83 1.51
N GLY A 127 -15.86 -8.93 1.11
CA GLY A 127 -15.85 -7.57 1.66
C GLY A 127 -16.99 -6.64 1.21
N LEU A 128 -17.73 -7.05 0.16
CA LEU A 128 -18.94 -6.46 -0.42
C LEU A 128 -18.95 -6.69 -1.90
N THR A 129 -20.03 -7.27 -2.35
CA THR A 129 -20.30 -7.38 -3.78
C THR A 129 -21.58 -6.60 -4.10
N ASN A 130 -22.10 -6.60 -5.32
CA ASN A 130 -23.33 -5.86 -5.57
C ASN A 130 -24.51 -6.52 -4.88
N GLU A 131 -24.39 -7.81 -4.66
CA GLU A 131 -25.47 -8.60 -4.16
C GLU A 131 -25.42 -8.77 -2.68
N PHE A 132 -24.24 -8.84 -2.05
CA PHE A 132 -24.21 -9.12 -0.63
C PHE A 132 -23.12 -8.38 0.10
N HIS A 133 -23.34 -8.28 1.41
CA HIS A 133 -22.46 -7.56 2.27
C HIS A 133 -22.38 -8.26 3.62
N PRO A 134 -21.94 -9.51 3.78
CA PRO A 134 -22.09 -10.24 5.01
C PRO A 134 -21.28 -9.70 6.16
N THR A 135 -19.99 -9.36 6.08
CA THR A 135 -19.19 -8.86 7.22
C THR A 135 -19.76 -7.67 7.94
N GLN A 136 -20.47 -6.81 7.20
CA GLN A 136 -21.17 -5.66 7.75
C GLN A 136 -22.11 -6.17 8.83
N LEU A 137 -23.09 -6.95 8.42
CA LEU A 137 -24.09 -7.43 9.34
C LEU A 137 -23.52 -8.22 10.46
N LEU A 138 -22.29 -8.70 10.39
CA LEU A 138 -21.71 -9.35 11.53
C LEU A 138 -21.44 -8.29 12.61
N ALA A 139 -20.86 -7.16 12.17
CA ALA A 139 -20.58 -6.03 13.03
C ALA A 139 -21.90 -5.58 13.60
N ASP A 140 -22.92 -5.47 12.78
CA ASP A 140 -24.25 -5.04 13.21
C ASP A 140 -24.84 -5.95 14.27
N LEU A 141 -25.02 -7.24 13.99
CA LEU A 141 -25.61 -8.15 14.93
C LEU A 141 -24.86 -8.14 16.25
N LEU A 142 -23.50 -8.08 16.20
CA LEU A 142 -22.68 -7.92 17.40
C LEU A 142 -22.99 -6.59 18.10
N THR A 143 -23.16 -5.46 17.40
CA THR A 143 -23.50 -4.20 18.05
C THR A 143 -24.86 -4.29 18.76
N MET A 144 -25.77 -5.09 18.13
CA MET A 144 -27.13 -5.27 18.65
C MET A 144 -27.08 -6.04 19.98
N GLN A 145 -26.36 -7.18 20.04
CA GLN A 145 -26.15 -7.95 21.26
C GLN A 145 -25.73 -7.05 22.39
N GLU A 146 -24.61 -6.34 22.14
CA GLU A 146 -24.00 -5.47 23.12
C GLU A 146 -24.94 -4.36 23.65
N HIS A 147 -25.80 -3.83 22.80
CA HIS A 147 -26.69 -2.81 23.29
C HIS A 147 -28.00 -3.41 23.77
N LEU A 148 -28.21 -4.74 23.72
CA LEU A 148 -29.35 -5.36 24.38
C LEU A 148 -28.83 -6.66 24.98
N PRO A 149 -28.00 -6.58 26.01
CA PRO A 149 -27.38 -7.73 26.63
C PRO A 149 -28.42 -8.71 27.16
N GLY A 150 -28.25 -9.97 26.78
CA GLY A 150 -29.22 -10.97 27.21
C GLY A 150 -30.40 -11.11 26.24
N LYS A 151 -31.05 -10.06 25.74
CA LYS A 151 -32.15 -10.30 24.83
C LYS A 151 -31.66 -11.10 23.64
N ALA A 152 -32.35 -12.12 23.20
CA ALA A 152 -31.89 -12.89 22.04
C ALA A 152 -32.40 -12.18 20.81
N PHE A 153 -31.78 -12.44 19.66
CA PHE A 153 -32.18 -11.72 18.46
C PHE A 153 -33.64 -11.87 18.07
N ASN A 154 -34.13 -13.02 18.54
CA ASN A 154 -35.53 -13.49 18.56
C ASN A 154 -36.57 -12.57 19.17
N GLU A 155 -36.09 -11.69 20.06
CA GLU A 155 -36.96 -10.79 20.73
C GLU A 155 -36.33 -9.42 20.59
N MET A 156 -35.94 -9.03 19.35
CA MET A 156 -35.43 -7.68 18.99
C MET A 156 -36.08 -7.26 17.71
N THR A 157 -36.44 -5.97 17.58
CA THR A 157 -37.11 -5.48 16.36
C THR A 157 -36.15 -4.60 15.57
N LEU A 158 -35.86 -4.91 14.31
CA LEU A 158 -34.96 -4.08 13.55
C LEU A 158 -35.72 -3.34 12.46
N VAL A 159 -35.59 -2.00 12.36
CA VAL A 159 -36.20 -1.32 11.24
C VAL A 159 -35.08 -0.91 10.32
N TYR A 160 -35.17 -1.25 9.02
CA TYR A 160 -34.19 -0.77 8.05
C TYR A 160 -35.08 0.00 7.14
N ALA A 161 -34.88 1.31 7.16
CA ALA A 161 -35.67 2.26 6.39
C ALA A 161 -34.87 2.75 5.18
N GLY A 162 -35.56 3.16 4.13
CA GLY A 162 -34.89 3.71 2.97
C GLY A 162 -34.81 2.75 1.81
N ASP A 163 -33.78 2.73 0.97
CA ASP A 163 -33.72 1.89 -0.19
C ASP A 163 -33.22 0.52 0.28
N ALA A 164 -33.96 -0.53 -0.03
CA ALA A 164 -33.51 -1.80 0.43
C ALA A 164 -33.30 -2.68 -0.77
N ARG A 165 -33.74 -2.29 -1.97
CA ARG A 165 -33.57 -3.17 -3.12
C ARG A 165 -32.13 -2.90 -3.53
N ASN A 166 -31.23 -3.61 -2.80
CA ASN A 166 -29.77 -3.55 -2.93
C ASN A 166 -29.09 -4.52 -1.93
N ASN A 167 -27.75 -4.68 -1.97
CA ASN A 167 -27.00 -5.59 -1.10
C ASN A 167 -27.19 -5.29 0.36
N MET A 168 -27.63 -4.10 0.78
CA MET A 168 -27.92 -3.90 2.18
C MET A 168 -29.24 -4.58 2.50
N GLY A 169 -30.22 -4.44 1.60
CA GLY A 169 -31.52 -5.01 1.77
C GLY A 169 -31.40 -6.51 1.77
N ASN A 170 -30.76 -7.04 0.72
CA ASN A 170 -30.51 -8.49 0.64
C ASN A 170 -29.88 -8.97 1.91
N SER A 171 -28.89 -8.25 2.46
CA SER A 171 -28.18 -8.69 3.64
C SER A 171 -29.02 -8.65 4.88
N MET A 172 -29.98 -7.70 4.98
CA MET A 172 -30.86 -7.64 6.15
C MET A 172 -31.70 -8.90 6.08
N LEU A 173 -32.19 -9.22 4.87
CA LEU A 173 -32.97 -10.43 4.71
C LEU A 173 -32.21 -11.67 5.18
N GLU A 174 -30.98 -11.94 4.72
CA GLU A 174 -30.25 -13.10 5.16
C GLU A 174 -30.04 -13.07 6.65
N ALA A 175 -29.90 -11.86 7.22
CA ALA A 175 -29.70 -11.73 8.65
C ALA A 175 -30.95 -12.24 9.35
N ALA A 176 -32.11 -11.69 8.99
CA ALA A 176 -33.36 -12.07 9.68
C ALA A 176 -33.50 -13.59 9.64
N ALA A 177 -33.34 -14.20 8.47
CA ALA A 177 -33.44 -15.62 8.29
C ALA A 177 -32.60 -16.46 9.23
N LEU A 178 -31.41 -16.02 9.51
CA LEU A 178 -30.56 -16.79 10.39
C LEU A 178 -30.70 -16.37 11.83
N THR A 179 -31.59 -15.45 12.10
CA THR A 179 -31.64 -14.87 13.41
C THR A 179 -33.00 -14.97 14.13
N GLY A 180 -34.08 -14.80 13.37
CA GLY A 180 -35.40 -14.78 13.93
C GLY A 180 -35.76 -13.37 14.32
N LEU A 181 -35.23 -12.39 13.61
CA LEU A 181 -35.51 -10.99 13.89
C LEU A 181 -36.85 -10.51 13.29
N ASP A 182 -37.56 -9.70 14.07
CA ASP A 182 -38.71 -8.99 13.59
C ASP A 182 -38.09 -7.83 12.79
N LEU A 183 -37.84 -8.10 11.50
CA LEU A 183 -37.20 -7.15 10.59
C LEU A 183 -38.19 -6.46 9.69
N ARG A 184 -38.27 -5.12 9.76
CA ARG A 184 -39.20 -4.36 8.95
C ARG A 184 -38.45 -3.48 7.97
N LEU A 185 -38.71 -3.71 6.69
CA LEU A 185 -38.07 -2.91 5.68
C LEU A 185 -39.15 -1.90 5.36
N VAL A 186 -38.83 -0.67 5.76
CA VAL A 186 -39.68 0.51 5.65
C VAL A 186 -39.17 1.35 4.51
N ALA A 187 -39.83 1.20 3.41
CA ALA A 187 -39.34 1.78 2.18
C ALA A 187 -40.46 1.84 1.16
N PRO A 188 -40.45 2.80 0.21
CA PRO A 188 -41.39 2.79 -0.91
C PRO A 188 -41.21 1.41 -1.56
N GLN A 189 -42.26 0.90 -2.16
CA GLN A 189 -42.22 -0.40 -2.78
C GLN A 189 -41.04 -0.47 -3.71
N ALA A 190 -40.73 0.58 -4.46
CA ALA A 190 -39.69 0.44 -5.50
C ALA A 190 -38.28 0.06 -4.98
N CYS A 191 -38.19 0.33 -3.65
CA CYS A 191 -37.06 0.16 -2.76
C CYS A 191 -37.20 -1.07 -1.83
N TRP A 192 -37.68 -2.23 -2.33
CA TRP A 192 -37.86 -3.44 -1.51
C TRP A 192 -37.18 -4.61 -2.20
N PRO A 193 -36.53 -5.48 -1.40
CA PRO A 193 -35.74 -6.60 -1.94
C PRO A 193 -36.53 -7.62 -2.79
N GLU A 194 -35.79 -8.50 -3.50
CA GLU A 194 -36.51 -9.29 -4.46
C GLU A 194 -37.22 -10.47 -3.78
N ALA A 195 -38.38 -10.54 -4.48
CA ALA A 195 -39.49 -11.45 -4.21
C ALA A 195 -39.01 -12.78 -3.74
N ALA A 196 -38.28 -13.51 -4.57
CA ALA A 196 -37.77 -14.79 -4.15
C ALA A 196 -37.03 -14.69 -2.80
N LEU A 197 -35.95 -13.84 -2.60
CA LEU A 197 -35.11 -13.85 -1.40
C LEU A 197 -36.00 -13.55 -0.24
N VAL A 198 -36.96 -12.62 -0.41
CA VAL A 198 -37.86 -12.27 0.70
C VAL A 198 -38.72 -13.51 0.99
N THR A 199 -39.13 -14.26 -0.04
CA THR A 199 -39.95 -15.45 0.20
C THR A 199 -39.15 -16.47 1.04
N GLU A 200 -37.91 -16.73 0.58
CA GLU A 200 -37.04 -17.65 1.24
C GLU A 200 -36.77 -17.17 2.68
N CYS A 201 -36.47 -15.87 2.80
CA CYS A 201 -35.94 -15.44 4.06
C CYS A 201 -36.97 -15.33 5.17
N ARG A 202 -38.21 -15.03 4.77
CA ARG A 202 -39.33 -14.93 5.72
C ARG A 202 -39.50 -16.28 6.39
N ALA A 203 -39.69 -17.32 5.53
CA ALA A 203 -39.86 -18.72 5.90
C ALA A 203 -38.75 -19.07 6.90
N LEU A 204 -37.50 -18.75 6.60
CA LEU A 204 -36.49 -19.06 7.58
C LEU A 204 -36.62 -18.20 8.83
N ALA A 205 -36.94 -16.91 8.62
CA ALA A 205 -37.04 -15.95 9.73
C ALA A 205 -38.06 -16.38 10.79
N GLN A 206 -39.26 -16.65 10.28
CA GLN A 206 -40.42 -17.11 11.03
C GLN A 206 -40.09 -18.39 11.76
N GLN A 207 -39.49 -19.29 10.94
CA GLN A 207 -39.10 -20.59 11.43
C GLN A 207 -38.16 -20.43 12.64
N ASN A 208 -37.44 -19.30 12.72
CA ASN A 208 -36.56 -19.05 13.85
C ASN A 208 -37.11 -18.14 14.93
N GLY A 209 -38.34 -17.64 14.73
CA GLY A 209 -39.02 -16.83 15.74
C GLY A 209 -39.17 -15.35 15.38
N GLY A 210 -38.87 -14.97 14.14
CA GLY A 210 -39.08 -13.59 13.72
C GLY A 210 -40.00 -13.64 12.53
N ASN A 211 -40.02 -12.59 11.69
CA ASN A 211 -40.78 -12.55 10.43
C ASN A 211 -40.38 -11.26 9.73
N ILE A 212 -40.33 -11.30 8.41
CA ILE A 212 -39.98 -10.10 7.64
C ILE A 212 -41.27 -9.39 7.21
N THR A 213 -41.60 -8.23 7.85
CA THR A 213 -42.79 -7.38 7.52
C THR A 213 -42.41 -6.12 6.75
N LEU A 214 -42.95 -6.09 5.54
CA LEU A 214 -42.57 -5.08 4.57
C LEU A 214 -43.67 -4.05 4.51
N THR A 215 -43.34 -2.82 4.95
CA THR A 215 -44.28 -1.71 5.06
C THR A 215 -43.74 -0.45 4.43
N GLU A 216 -44.62 0.48 3.98
CA GLU A 216 -44.17 1.83 3.55
C GLU A 216 -44.45 2.82 4.70
N ASP A 217 -45.37 2.41 5.60
CA ASP A 217 -45.90 3.11 6.78
C ASP A 217 -44.99 3.43 7.96
N VAL A 218 -44.41 4.64 8.07
CA VAL A 218 -43.40 4.98 9.09
C VAL A 218 -43.72 4.51 10.52
N ALA A 219 -44.66 5.14 11.24
CA ALA A 219 -45.01 4.74 12.59
C ALA A 219 -45.40 3.29 12.62
N LYS A 220 -46.24 2.75 11.73
CA LYS A 220 -46.62 1.35 11.83
C LYS A 220 -45.39 0.43 11.68
N GLY A 221 -44.61 0.52 10.62
CA GLY A 221 -43.43 -0.31 10.43
C GLY A 221 -42.40 -0.05 11.50
N VAL A 222 -42.40 1.14 12.07
CA VAL A 222 -41.46 1.40 13.12
C VAL A 222 -42.06 0.95 14.45
N GLU A 223 -43.42 0.84 14.60
CA GLU A 223 -44.23 0.60 15.82
C GLU A 223 -43.42 0.33 17.10
N GLY A 224 -42.75 -0.85 17.23
CA GLY A 224 -41.91 -1.05 18.42
C GLY A 224 -40.41 -1.26 18.10
N ALA A 225 -39.86 -0.42 17.24
CA ALA A 225 -38.49 -0.51 16.82
C ALA A 225 -37.54 -0.43 18.02
N ASP A 226 -36.69 -1.48 17.98
CA ASP A 226 -35.60 -1.65 18.91
C ASP A 226 -34.35 -0.88 18.50
N PHE A 227 -34.09 -0.98 17.19
CA PHE A 227 -33.03 -0.32 16.43
C PHE A 227 -33.63 0.25 15.14
N ILE A 228 -33.16 1.41 14.65
CA ILE A 228 -33.59 1.86 13.34
C ILE A 228 -32.27 2.05 12.64
N TYR A 229 -32.30 1.59 11.41
CA TYR A 229 -31.11 1.46 10.60
C TYR A 229 -31.44 2.16 9.32
N THR A 230 -30.49 2.91 8.78
CA THR A 230 -30.60 3.44 7.44
C THR A 230 -29.18 3.55 6.87
N ASP A 231 -29.15 3.97 5.60
CA ASP A 231 -27.93 4.25 4.86
C ASP A 231 -28.26 5.22 3.71
N VAL A 232 -27.25 5.80 3.11
CA VAL A 232 -27.30 6.79 2.05
C VAL A 232 -28.35 6.52 1.00
N TRP A 233 -29.02 7.53 0.46
CA TRP A 233 -30.05 7.31 -0.53
C TRP A 233 -29.53 7.31 -1.94
N VAL A 234 -28.69 8.29 -2.27
CA VAL A 234 -28.27 8.40 -3.65
C VAL A 234 -26.90 7.82 -3.86
N ARG A 246 -34.73 9.93 -6.20
CA ARG A 246 -34.31 9.17 -5.05
C ARG A 246 -34.65 9.91 -3.78
N ILE A 247 -34.16 11.15 -3.66
CA ILE A 247 -34.50 11.98 -2.50
C ILE A 247 -36.02 12.14 -2.42
N ALA A 248 -36.61 12.03 -3.62
CA ALA A 248 -38.06 12.08 -3.80
C ALA A 248 -38.79 10.99 -2.99
N LEU A 249 -38.81 9.71 -3.47
CA LEU A 249 -39.55 8.72 -2.69
C LEU A 249 -38.92 8.47 -1.31
N LEU A 250 -37.59 8.72 -1.19
CA LEU A 250 -36.93 8.38 0.04
C LEU A 250 -37.04 9.41 1.14
N ARG A 251 -37.34 10.66 0.76
CA ARG A 251 -37.38 11.79 1.68
C ARG A 251 -38.12 11.48 2.98
N GLU A 252 -39.42 11.15 2.90
CA GLU A 252 -40.25 10.76 4.06
C GLU A 252 -39.72 9.61 4.91
N TYR A 253 -38.62 8.96 4.52
CA TYR A 253 -38.08 7.89 5.32
C TYR A 253 -36.91 8.27 6.21
N GLN A 254 -36.50 9.55 6.17
CA GLN A 254 -35.40 10.10 6.96
C GLN A 254 -35.49 9.72 8.40
N VAL A 255 -34.46 9.14 9.03
CA VAL A 255 -34.55 8.80 10.46
C VAL A 255 -34.25 10.11 11.16
N ASN A 256 -35.28 10.64 11.80
CA ASN A 256 -35.11 11.89 12.55
C ASN A 256 -35.70 11.60 13.93
N SER A 257 -35.62 12.51 14.89
CA SER A 257 -36.16 12.20 16.22
C SER A 257 -37.67 11.89 16.25
N LYS A 258 -38.45 12.29 15.25
CA LYS A 258 -39.86 11.93 15.18
C LYS A 258 -39.96 10.45 14.97
N MET A 259 -39.08 9.91 14.13
CA MET A 259 -39.12 8.47 13.88
C MET A 259 -38.73 7.73 15.13
N MET A 260 -37.71 8.28 15.81
CA MET A 260 -37.24 7.67 17.03
C MET A 260 -38.39 7.72 18.02
N GLN A 261 -39.12 8.84 18.09
CA GLN A 261 -40.26 8.95 18.99
C GLN A 261 -41.37 7.95 18.60
N LEU A 262 -41.76 7.86 17.32
CA LEU A 262 -42.80 6.95 16.87
C LEU A 262 -42.52 5.48 17.24
N THR A 263 -41.41 5.11 17.92
CA THR A 263 -41.24 3.73 18.31
C THR A 263 -41.98 3.50 19.60
N GLY A 264 -42.42 4.59 20.24
CA GLY A 264 -42.98 4.49 21.59
C GLY A 264 -41.94 3.92 22.56
N ASN A 265 -40.67 3.90 22.10
CA ASN A 265 -39.59 3.25 22.83
C ASN A 265 -38.52 4.22 23.30
N PRO A 266 -38.48 4.33 24.65
CA PRO A 266 -37.54 5.23 25.34
C PRO A 266 -36.08 4.79 25.18
N GLU A 267 -35.94 3.54 24.75
CA GLU A 267 -34.63 2.99 24.55
C GLU A 267 -34.38 2.46 23.12
N VAL A 268 -34.98 3.01 22.05
CA VAL A 268 -34.66 2.59 20.70
C VAL A 268 -33.23 3.00 20.33
N LYS A 269 -32.49 2.28 19.46
CA LYS A 269 -31.10 2.67 19.16
C LYS A 269 -30.93 2.84 17.65
N PHE A 270 -29.95 3.70 17.25
CA PHE A 270 -29.69 4.02 15.84
C PHE A 270 -28.33 3.51 15.36
N LEU A 271 -28.37 2.91 14.18
CA LEU A 271 -27.25 2.27 13.51
C LEU A 271 -27.18 2.80 12.04
N HIS A 272 -25.96 2.87 11.50
CA HIS A 272 -25.76 3.26 10.13
C HIS A 272 -24.43 2.67 9.70
N CYS A 273 -24.33 1.92 8.57
CA CYS A 273 -23.02 1.43 8.11
C CYS A 273 -22.41 2.72 7.60
N LEU A 274 -21.38 3.39 8.12
CA LEU A 274 -21.03 4.71 7.54
C LEU A 274 -20.44 4.66 6.11
N PRO A 275 -20.33 5.68 5.24
CA PRO A 275 -20.48 7.12 5.51
C PRO A 275 -21.94 7.55 5.60
N ALA A 276 -22.25 8.63 6.29
CA ALA A 276 -23.62 9.07 6.43
C ALA A 276 -23.80 10.54 6.04
N PHE A 277 -24.88 11.05 5.46
CA PHE A 277 -25.01 12.46 5.22
C PHE A 277 -25.94 13.04 6.26
N HIS A 278 -25.30 13.46 7.36
CA HIS A 278 -26.06 14.13 8.41
C HIS A 278 -25.81 15.65 8.63
N ASP A 279 -24.63 16.12 8.22
CA ASP A 279 -24.23 17.49 8.28
C ASP A 279 -24.85 18.26 7.17
N ASP A 280 -24.68 19.55 7.47
CA ASP A 280 -24.91 20.68 6.60
C ASP A 280 -23.56 21.31 6.38
N GLN A 281 -22.58 20.43 6.40
CA GLN A 281 -21.24 20.86 6.26
C GLN A 281 -20.69 20.18 5.01
N THR A 282 -20.13 18.92 5.09
CA THR A 282 -19.40 18.27 3.96
C THR A 282 -19.64 18.59 2.50
N THR A 283 -18.60 18.75 1.66
CA THR A 283 -18.73 19.21 0.29
C THR A 283 -19.99 18.80 -0.46
N LEU A 284 -20.16 17.50 -0.61
CA LEU A 284 -21.29 16.95 -1.29
C LEU A 284 -22.58 16.99 -0.49
N GLY A 285 -22.57 16.57 0.77
CA GLY A 285 -23.77 16.61 1.59
C GLY A 285 -24.50 17.95 1.55
N LYS A 286 -23.66 19.00 1.70
CA LYS A 286 -24.10 20.40 1.79
C LYS A 286 -24.74 20.76 0.48
N LYS A 287 -24.10 20.41 -0.64
CA LYS A 287 -24.64 20.67 -1.95
C LYS A 287 -26.11 20.27 -1.99
N MET A 288 -26.34 19.02 -1.58
CA MET A 288 -27.66 18.46 -1.53
C MET A 288 -28.45 19.25 -0.54
N ALA A 289 -28.01 19.63 0.67
CA ALA A 289 -28.85 20.37 1.61
C ALA A 289 -29.44 21.62 0.98
N GLU A 290 -28.57 22.25 0.15
CA GLU A 290 -28.91 23.42 -0.60
C GLU A 290 -29.92 23.04 -1.64
N GLU A 291 -29.55 22.47 -2.78
CA GLU A 291 -30.43 21.94 -3.83
C GLU A 291 -31.81 21.41 -3.40
N PHE A 292 -31.78 20.38 -2.57
CA PHE A 292 -32.97 19.67 -2.16
C PHE A 292 -33.57 20.13 -0.86
N GLY A 293 -33.08 21.23 -0.27
CA GLY A 293 -33.68 21.75 0.94
C GLY A 293 -33.41 20.91 2.17
N LEU A 294 -32.84 19.69 2.09
CA LEU A 294 -32.58 18.79 3.21
C LEU A 294 -31.61 19.40 4.24
N HIS A 295 -32.01 20.39 5.05
CA HIS A 295 -31.12 20.96 6.03
C HIS A 295 -31.17 20.21 7.35
N GLY A 296 -30.11 20.20 8.14
CA GLY A 296 -29.87 19.38 9.35
C GLY A 296 -29.40 17.98 8.94
N GLY A 297 -29.41 17.58 7.63
CA GLY A 297 -29.08 16.23 7.20
C GLY A 297 -30.06 15.63 6.19
N MET A 298 -29.52 14.60 5.49
CA MET A 298 -30.25 13.88 4.47
C MET A 298 -30.86 12.61 5.02
N GLU A 299 -30.26 11.41 5.04
CA GLU A 299 -30.99 10.27 5.53
C GLU A 299 -31.07 10.22 7.03
N VAL A 300 -30.10 10.66 7.80
CA VAL A 300 -30.26 10.72 9.26
C VAL A 300 -30.13 12.18 9.55
N THR A 301 -30.88 12.67 10.53
CA THR A 301 -30.66 14.05 10.94
C THR A 301 -29.39 14.12 11.81
N ASP A 302 -28.57 15.16 11.69
CA ASP A 302 -27.45 15.29 12.59
C ASP A 302 -27.85 15.15 14.07
N GLU A 303 -29.02 15.67 14.51
CA GLU A 303 -29.39 15.57 15.92
C GLU A 303 -29.65 14.13 16.29
N VAL A 304 -30.08 13.23 15.38
CA VAL A 304 -30.16 11.80 15.76
C VAL A 304 -28.77 11.20 15.64
N PHE A 305 -27.95 11.48 14.60
CA PHE A 305 -26.63 10.89 14.42
C PHE A 305 -25.74 11.18 15.61
N GLU A 306 -25.84 12.36 16.17
CA GLU A 306 -25.01 12.69 17.30
C GLU A 306 -25.83 12.51 18.57
N SER A 307 -26.91 11.71 18.52
CA SER A 307 -27.79 11.46 19.65
C SER A 307 -27.15 10.52 20.62
N ALA A 308 -27.78 10.51 21.80
CA ALA A 308 -27.47 9.47 22.80
C ALA A 308 -27.76 8.06 22.23
N ALA A 309 -28.67 8.00 21.26
CA ALA A 309 -29.18 6.77 20.70
C ALA A 309 -28.34 6.11 19.61
N SER A 310 -27.52 6.87 18.85
CA SER A 310 -26.70 6.25 17.82
C SER A 310 -25.53 5.58 18.47
N ILE A 311 -25.47 4.32 18.07
CA ILE A 311 -24.38 3.46 18.46
C ILE A 311 -23.48 3.26 17.23
N VAL A 312 -23.59 4.20 16.28
CA VAL A 312 -22.89 4.21 15.02
C VAL A 312 -21.36 3.94 15.09
N PHE A 313 -20.62 4.51 16.06
CA PHE A 313 -19.17 4.32 16.08
C PHE A 313 -18.81 3.07 16.85
N ASP A 314 -19.70 2.52 17.68
CA ASP A 314 -19.40 1.22 18.22
C ASP A 314 -19.58 0.26 17.03
N GLN A 315 -20.58 0.50 16.17
CA GLN A 315 -20.90 -0.31 15.00
C GLN A 315 -19.71 -0.29 14.09
N ALA A 316 -19.07 0.86 13.92
CA ALA A 316 -17.89 1.01 13.07
C ALA A 316 -16.74 0.26 13.68
N GLU A 317 -16.54 0.26 15.01
CA GLU A 317 -15.44 -0.45 15.66
C GLU A 317 -15.61 -1.98 15.51
N ASN A 318 -16.87 -2.41 15.63
CA ASN A 318 -17.26 -3.79 15.52
C ASN A 318 -17.05 -4.37 14.15
N ARG A 319 -16.87 -3.53 13.14
CA ARG A 319 -16.50 -4.02 11.84
C ARG A 319 -15.19 -4.80 11.95
N MET A 320 -14.26 -4.28 12.73
CA MET A 320 -12.97 -4.92 12.86
C MET A 320 -13.10 -6.23 13.62
N HIS A 321 -13.81 -6.29 14.75
CA HIS A 321 -13.84 -7.49 15.59
C HIS A 321 -14.47 -8.69 14.95
N THR A 322 -15.36 -8.46 13.99
CA THR A 322 -16.03 -9.50 13.27
C THR A 322 -15.23 -9.91 12.07
N ILE A 323 -14.51 -9.05 11.34
CA ILE A 323 -13.70 -9.50 10.22
C ILE A 323 -12.60 -10.37 10.77
N LYS A 324 -12.06 -10.01 11.93
CA LYS A 324 -11.06 -10.79 12.63
C LYS A 324 -11.62 -12.16 12.96
N ALA A 325 -12.84 -12.24 13.52
CA ALA A 325 -13.54 -13.52 13.79
C ALA A 325 -13.62 -14.34 12.54
N VAL A 326 -14.07 -13.82 11.39
CA VAL A 326 -14.16 -14.56 10.13
C VAL A 326 -12.81 -15.14 9.79
N MET A 327 -11.73 -14.35 9.76
CA MET A 327 -10.38 -14.81 9.49
C MET A 327 -9.81 -15.81 10.50
N VAL A 328 -9.97 -15.63 11.80
CA VAL A 328 -9.52 -16.60 12.78
C VAL A 328 -10.32 -17.91 12.59
N ALA A 329 -11.65 -17.85 12.41
CA ALA A 329 -12.48 -19.01 12.28
C ALA A 329 -12.10 -19.86 11.09
N THR A 330 -11.70 -19.26 9.99
CA THR A 330 -11.45 -20.02 8.78
C THR A 330 -10.00 -20.32 8.49
N LEU A 331 -9.07 -19.63 9.11
CA LEU A 331 -7.70 -19.93 8.84
C LEU A 331 -7.09 -20.63 10.03
N SER A 332 -7.66 -20.56 11.24
CA SER A 332 -7.06 -21.17 12.40
C SER A 332 -7.97 -22.25 12.97
N LYS A 333 -7.55 -23.12 13.91
CA LYS A 333 -8.44 -24.13 14.52
C LYS A 333 -8.60 -24.02 16.02
N SER B 1 4.30 18.17 30.21
CA SER B 1 5.73 18.04 29.94
C SER B 1 5.79 16.71 29.25
N GLY B 2 5.22 15.63 29.87
CA GLY B 2 5.20 14.31 29.21
C GLY B 2 4.58 14.48 27.79
N PHE B 3 5.13 13.86 26.74
CA PHE B 3 4.51 13.89 25.46
C PHE B 3 3.45 12.83 25.41
N TYR B 4 3.38 11.93 26.38
CA TYR B 4 2.46 10.81 26.38
C TYR B 4 1.00 11.18 26.09
N HIS B 5 0.55 10.59 24.97
CA HIS B 5 -0.74 10.75 24.33
C HIS B 5 -0.99 12.13 23.79
N LYS B 6 0.04 12.95 23.65
CA LYS B 6 -0.18 14.25 23.10
C LYS B 6 -0.03 14.14 21.62
N HIS B 7 -0.72 15.06 20.96
CA HIS B 7 -0.66 15.22 19.54
C HIS B 7 0.67 15.88 19.11
N PHE B 8 0.99 16.09 17.83
CA PHE B 8 2.16 16.79 17.40
C PHE B 8 1.79 17.58 16.14
N LEU B 9 1.21 18.77 16.22
CA LEU B 9 0.62 19.50 15.12
C LEU B 9 1.41 20.73 14.68
N LYS B 10 2.25 21.28 15.55
CA LYS B 10 3.12 22.39 15.20
C LYS B 10 4.19 22.45 16.29
N LEU B 11 5.33 23.11 16.10
CA LEU B 11 6.40 23.12 17.06
C LEU B 11 6.06 24.00 18.21
N LEU B 12 5.40 25.13 18.02
CA LEU B 12 5.11 26.02 19.14
C LEU B 12 4.13 25.53 20.18
N ASP B 13 3.47 24.39 19.97
CA ASP B 13 2.68 23.77 21.02
C ASP B 13 3.58 23.07 22.03
N PHE B 14 4.91 23.15 21.92
CA PHE B 14 5.80 22.47 22.82
C PHE B 14 6.76 23.46 23.45
N THR B 15 7.32 23.23 24.64
CA THR B 15 8.27 24.16 25.24
C THR B 15 9.64 23.85 24.69
N PRO B 16 10.67 24.66 24.80
CA PRO B 16 12.01 24.28 24.43
C PRO B 16 12.53 23.07 25.21
N ALA B 17 12.02 22.81 26.43
CA ALA B 17 12.48 21.65 27.18
C ALA B 17 11.81 20.38 26.65
N GLU B 18 10.60 20.48 26.13
CA GLU B 18 9.94 19.34 25.51
C GLU B 18 10.66 19.10 24.18
N LEU B 19 10.84 20.12 23.31
CA LEU B 19 11.58 19.97 22.09
C LEU B 19 12.89 19.28 22.40
N ASN B 20 13.71 19.79 23.35
CA ASN B 20 15.02 19.23 23.61
C ASN B 20 14.93 17.76 23.98
N SER B 21 13.91 17.37 24.71
CA SER B 21 13.64 16.00 25.06
C SER B 21 13.29 15.20 23.82
N LEU B 22 12.43 15.63 22.87
CA LEU B 22 12.20 14.89 21.64
C LEU B 22 13.53 14.67 20.97
N LEU B 23 14.29 15.73 20.73
CA LEU B 23 15.57 15.66 20.04
C LEU B 23 16.50 14.69 20.76
N GLN B 24 16.59 14.64 22.08
CA GLN B 24 17.44 13.65 22.69
C GLN B 24 16.90 12.23 22.53
N LEU B 25 15.61 12.01 22.61
CA LEU B 25 15.04 10.69 22.38
C LEU B 25 15.40 10.20 20.97
N ALA B 26 15.34 11.09 19.97
CA ALA B 26 15.67 10.84 18.57
C ALA B 26 17.10 10.40 18.42
N ALA B 27 17.96 11.01 19.20
CA ALA B 27 19.35 10.63 19.17
C ALA B 27 19.57 9.32 19.92
N LYS B 28 18.87 8.94 21.02
CA LYS B 28 19.11 7.65 21.67
C LYS B 28 18.75 6.53 20.70
N LEU B 29 17.56 6.70 20.12
CA LEU B 29 17.02 5.71 19.18
C LEU B 29 17.87 5.62 17.92
N LYS B 30 18.51 6.70 17.46
CA LYS B 30 19.40 6.58 16.32
C LYS B 30 20.55 5.67 16.73
N ALA B 31 21.19 5.99 17.86
CA ALA B 31 22.36 5.27 18.31
C ALA B 31 21.99 3.84 18.56
N ASP B 32 20.83 3.56 19.12
CA ASP B 32 20.40 2.22 19.41
C ASP B 32 20.18 1.37 18.20
N LYS B 33 19.54 1.90 17.17
CA LYS B 33 19.36 1.12 15.97
C LYS B 33 20.75 0.95 15.41
N LYS B 34 21.63 1.95 15.29
CA LYS B 34 22.94 1.72 14.73
C LYS B 34 23.76 0.75 15.55
N SER B 35 23.54 0.68 16.88
CA SER B 35 24.29 -0.29 17.67
C SER B 35 23.47 -1.55 17.90
N GLY B 36 22.45 -1.80 17.13
CA GLY B 36 21.77 -3.06 17.18
C GLY B 36 21.03 -3.36 18.46
N LYS B 37 20.74 -2.40 19.33
CA LYS B 37 19.99 -2.75 20.52
C LYS B 37 18.85 -1.81 20.82
N GLU B 38 18.05 -1.71 19.77
CA GLU B 38 16.86 -0.92 19.76
C GLU B 38 15.81 -1.66 20.54
N GLU B 39 15.17 -0.95 21.45
CA GLU B 39 14.07 -1.50 22.21
C GLU B 39 12.78 -1.00 21.58
N ALA B 40 12.19 -1.94 20.86
CA ALA B 40 10.94 -1.75 20.21
C ALA B 40 9.89 -1.47 21.23
N LYS B 41 9.47 -0.22 21.39
CA LYS B 41 8.45 0.13 22.37
C LYS B 41 7.01 0.26 21.88
N LEU B 42 6.75 -0.04 20.60
CA LEU B 42 5.42 0.10 20.03
C LEU B 42 4.96 -1.27 19.51
N THR B 43 5.35 -2.42 20.09
CA THR B 43 5.13 -3.73 19.53
C THR B 43 3.69 -4.20 19.38
N GLY B 44 2.65 -3.39 19.52
CA GLY B 44 1.34 -3.90 19.23
C GLY B 44 0.46 -2.88 18.60
N LYS B 45 1.05 -1.70 18.36
CA LYS B 45 0.36 -0.48 17.92
C LYS B 45 0.04 -0.56 16.43
N ASN B 46 -1.07 0.03 16.01
CA ASN B 46 -1.42 0.06 14.61
C ASN B 46 -1.55 1.52 14.30
N ILE B 47 -0.74 2.03 13.39
CA ILE B 47 -0.70 3.44 13.01
C ILE B 47 -1.31 3.59 11.62
N ALA B 48 -2.09 4.65 11.37
CA ALA B 48 -2.68 4.89 10.08
C ALA B 48 -2.00 6.11 9.49
N LEU B 49 -1.59 6.04 8.23
CA LEU B 49 -0.86 7.13 7.61
C LEU B 49 -1.72 7.69 6.51
N ILE B 50 -2.38 8.81 6.72
CA ILE B 50 -3.23 9.46 5.75
C ILE B 50 -2.33 10.43 5.02
N PHE B 51 -2.28 10.29 3.72
CA PHE B 51 -1.50 11.15 2.87
C PHE B 51 -2.50 11.66 1.86
N GLU B 52 -3.06 12.86 2.03
CA GLU B 52 -3.91 13.47 1.05
C GLU B 52 -3.14 13.93 -0.16
N LYS B 53 -1.87 14.20 0.02
CA LYS B 53 -0.99 14.52 -1.06
C LYS B 53 0.24 13.69 -0.78
N ASP B 54 0.83 13.23 -1.88
CA ASP B 54 1.99 12.43 -1.80
C ASP B 54 3.24 13.00 -1.13
N SER B 55 4.13 12.04 -0.90
CA SER B 55 5.43 12.26 -0.36
C SER B 55 6.10 10.93 -0.24
N THR B 56 7.08 10.61 -1.09
CA THR B 56 7.85 9.35 -1.06
C THR B 56 8.47 9.18 0.28
N ARG B 57 9.05 10.31 0.74
CA ARG B 57 9.88 10.48 1.96
C ARG B 57 9.24 10.41 3.32
N THR B 58 8.17 11.18 3.53
CA THR B 58 7.49 11.09 4.79
C THR B 58 6.94 9.68 4.95
N ARG B 59 6.35 9.04 3.92
CA ARG B 59 5.80 7.71 4.04
C ARG B 59 6.88 6.76 4.47
N CYS B 60 8.01 6.81 3.79
CA CYS B 60 9.11 5.93 4.13
C CYS B 60 9.59 6.19 5.57
N SER B 61 9.77 7.43 6.03
CA SER B 61 10.25 7.66 7.40
C SER B 61 9.26 7.12 8.43
N PHE B 62 7.96 7.29 8.16
CA PHE B 62 6.94 6.83 9.07
C PHE B 62 6.81 5.35 9.06
N GLU B 63 6.96 4.72 7.90
CA GLU B 63 6.90 3.26 7.82
C GLU B 63 8.12 2.60 8.46
N VAL B 64 9.39 2.91 8.10
CA VAL B 64 10.57 2.32 8.74
C VAL B 64 10.58 2.61 10.25
N ALA B 65 10.25 3.84 10.68
CA ALA B 65 10.29 4.18 12.08
C ALA B 65 9.33 3.34 12.82
N ALA B 66 8.05 3.26 12.42
CA ALA B 66 7.05 2.45 13.09
C ALA B 66 7.43 0.99 13.15
N TYR B 67 7.86 0.41 12.03
CA TYR B 67 8.26 -0.99 11.92
C TYR B 67 9.42 -1.42 12.77
N ASP B 68 10.46 -0.61 12.91
CA ASP B 68 11.58 -0.88 13.81
C ASP B 68 11.09 -0.97 15.25
N GLN B 69 10.10 -0.20 15.64
CA GLN B 69 9.55 -0.27 16.97
C GLN B 69 8.47 -1.32 17.15
N GLY B 70 8.15 -2.16 16.19
CA GLY B 70 7.13 -3.18 16.31
C GLY B 70 5.71 -2.82 15.91
N ALA B 71 5.47 -1.65 15.30
CA ALA B 71 4.12 -1.26 14.99
C ALA B 71 3.77 -1.63 13.58
N ARG B 72 2.51 -1.80 13.22
CA ARG B 72 2.14 -2.10 11.86
C ARG B 72 1.44 -0.87 11.30
N VAL B 73 1.65 -0.58 10.02
CA VAL B 73 1.25 0.62 9.38
C VAL B 73 0.13 0.39 8.37
N THR B 74 -0.90 1.23 8.25
CA THR B 74 -1.88 1.14 7.18
C THR B 74 -1.73 2.41 6.39
N TYR B 75 -1.12 2.38 5.22
CA TYR B 75 -0.97 3.56 4.41
C TYR B 75 -2.24 3.90 3.61
N LEU B 76 -2.83 5.06 3.86
CA LEU B 76 -4.01 5.53 3.20
C LEU B 76 -3.56 6.67 2.32
N GLY B 77 -3.36 6.41 1.02
CA GLY B 77 -2.80 7.34 0.06
C GLY B 77 -3.81 8.18 -0.69
N PRO B 78 -3.37 9.18 -1.45
CA PRO B 78 -4.26 10.00 -2.21
C PRO B 78 -4.96 9.08 -3.20
N SER B 79 -6.19 8.69 -2.88
CA SER B 79 -6.91 7.80 -3.78
C SER B 79 -8.39 7.91 -3.42
N GLY B 80 -8.74 7.97 -2.11
CA GLY B 80 -10.14 8.13 -1.73
C GLY B 80 -10.41 9.60 -1.94
N SER B 81 -11.66 10.03 -2.26
CA SER B 81 -12.03 11.45 -2.24
C SER B 81 -11.46 12.00 -0.90
N GLN B 82 -10.82 13.16 -0.89
CA GLN B 82 -10.26 13.58 0.34
C GLN B 82 -11.16 14.17 1.40
N ILE B 83 -10.69 13.88 2.62
CA ILE B 83 -11.42 14.16 3.86
C ILE B 83 -12.11 15.53 3.87
N GLY B 84 -13.44 15.48 3.81
CA GLY B 84 -14.29 16.65 3.75
C GLY B 84 -15.19 16.57 2.52
N HIS B 85 -14.78 15.75 1.54
CA HIS B 85 -15.55 15.68 0.31
C HIS B 85 -16.82 14.87 0.44
N LYS B 86 -16.75 13.59 0.83
CA LYS B 86 -17.94 12.77 1.01
C LYS B 86 -18.16 12.48 2.50
N GLU B 87 -17.19 12.66 3.41
CA GLU B 87 -17.41 12.34 4.82
C GLU B 87 -16.76 13.39 5.69
N SER B 88 -17.43 13.64 6.81
CA SER B 88 -17.06 14.67 7.76
C SER B 88 -15.69 14.46 8.38
N ILE B 89 -14.80 15.43 8.60
CA ILE B 89 -13.52 15.23 9.29
C ILE B 89 -13.87 14.60 10.61
N LYS B 90 -14.90 15.15 11.25
CA LYS B 90 -15.48 14.68 12.52
C LYS B 90 -15.83 13.18 12.45
N ASP B 91 -16.34 12.64 11.34
CA ASP B 91 -16.63 11.22 11.25
C ASP B 91 -15.39 10.41 10.87
N THR B 92 -14.56 10.80 9.90
CA THR B 92 -13.33 10.12 9.52
C THR B 92 -12.53 9.87 10.80
N ALA B 93 -12.26 10.92 11.58
CA ALA B 93 -11.47 10.86 12.79
C ALA B 93 -12.08 9.88 13.75
N ARG B 94 -13.34 10.07 14.09
CA ARG B 94 -14.06 9.20 15.02
C ARG B 94 -14.03 7.69 14.70
N VAL B 95 -14.08 7.29 13.43
CA VAL B 95 -14.02 5.92 13.05
C VAL B 95 -12.59 5.53 13.18
N LEU B 96 -11.62 6.28 12.65
CA LEU B 96 -10.20 5.90 12.70
C LEU B 96 -9.74 5.63 14.11
N GLY B 97 -10.09 6.46 15.09
CA GLY B 97 -9.62 6.34 16.45
C GLY B 97 -10.16 5.10 17.13
N ARG B 98 -11.19 4.48 16.55
CA ARG B 98 -11.71 3.23 17.07
C ARG B 98 -10.76 2.06 16.72
N MET B 99 -9.98 2.21 15.66
CA MET B 99 -9.13 1.15 15.20
C MET B 99 -7.64 1.29 15.33
N TYR B 100 -7.18 2.50 15.10
CA TYR B 100 -5.77 2.80 15.14
C TYR B 100 -5.40 3.52 16.39
N ASP B 101 -4.16 3.25 16.80
CA ASP B 101 -3.52 3.77 17.99
C ASP B 101 -2.88 5.12 17.80
N GLY B 102 -2.69 5.61 16.58
CA GLY B 102 -2.11 6.92 16.26
C GLY B 102 -2.37 7.26 14.80
N ILE B 103 -2.56 8.47 14.35
CA ILE B 103 -2.84 8.75 12.95
C ILE B 103 -1.81 9.74 12.41
N GLN B 104 -1.07 9.54 11.33
CA GLN B 104 -0.26 10.59 10.76
C GLN B 104 -1.13 11.24 9.74
N TYR B 105 -1.14 12.53 9.56
CA TYR B 105 -1.90 13.19 8.51
C TYR B 105 -0.94 14.09 7.74
N ARG B 106 -0.94 14.01 6.41
CA ARG B 106 -0.21 14.92 5.57
C ARG B 106 -1.20 15.40 4.55
N GLY B 107 -1.36 16.69 4.31
CA GLY B 107 -2.33 17.15 3.35
C GLY B 107 -2.35 18.68 3.22
N TYR B 108 -3.56 19.11 3.46
CA TYR B 108 -3.95 20.47 3.23
C TYR B 108 -3.86 21.44 4.40
N GLY B 109 -4.90 22.12 4.87
CA GLY B 109 -4.76 23.13 5.86
C GLY B 109 -4.57 22.59 7.21
N GLN B 110 -4.07 23.42 8.11
CA GLN B 110 -3.86 23.01 9.48
C GLN B 110 -5.19 22.79 10.13
N GLU B 111 -6.30 23.34 9.60
CA GLU B 111 -7.63 23.13 10.14
C GLU B 111 -7.93 21.66 10.09
N ILE B 112 -7.56 20.93 9.01
CA ILE B 112 -7.86 19.51 8.92
C ILE B 112 -7.12 18.74 9.99
N VAL B 113 -5.81 18.99 10.18
CA VAL B 113 -5.07 18.28 11.25
C VAL B 113 -5.64 18.59 12.62
N GLU B 114 -5.92 19.87 12.89
CA GLU B 114 -6.40 20.27 14.17
C GLU B 114 -7.82 19.67 14.40
N THR B 115 -8.63 19.40 13.38
CA THR B 115 -9.93 18.82 13.61
C THR B 115 -9.79 17.32 13.78
N LEU B 116 -8.95 16.65 13.02
CA LEU B 116 -8.75 15.22 13.16
C LEU B 116 -8.27 14.97 14.54
N ALA B 117 -7.37 15.81 15.03
CA ALA B 117 -6.85 15.72 16.36
C ALA B 117 -7.93 15.83 17.41
N GLU B 118 -8.86 16.75 17.19
CA GLU B 118 -9.94 17.05 18.11
C GLU B 118 -10.83 15.85 18.24
N TYR B 119 -11.23 15.20 17.12
CA TYR B 119 -12.14 14.07 17.22
C TYR B 119 -11.63 12.66 17.25
N ALA B 120 -10.40 12.38 16.82
CA ALA B 120 -9.84 11.04 16.93
C ALA B 120 -9.28 10.90 18.35
N SER B 121 -9.60 9.93 19.16
CA SER B 121 -9.05 9.96 20.50
C SER B 121 -7.64 9.46 20.67
N VAL B 122 -6.80 9.53 19.64
CA VAL B 122 -5.46 8.98 19.68
C VAL B 122 -4.62 10.14 19.22
N PRO B 123 -3.32 10.06 19.33
CA PRO B 123 -2.46 11.10 18.83
C PRO B 123 -2.44 11.19 17.34
N VAL B 124 -2.41 12.43 16.82
CA VAL B 124 -2.36 12.76 15.39
C VAL B 124 -1.04 13.50 15.20
N TRP B 125 -0.21 13.00 14.30
CA TRP B 125 1.10 13.52 13.99
C TRP B 125 1.03 14.37 12.73
N ASN B 126 1.59 15.57 12.60
CA ASN B 126 1.46 16.36 11.36
C ASN B 126 2.62 16.22 10.40
N GLY B 127 2.35 15.43 9.37
CA GLY B 127 3.35 15.11 8.34
C GLY B 127 3.66 16.24 7.36
N LEU B 128 2.80 17.29 7.31
CA LEU B 128 2.92 18.54 6.57
C LEU B 128 1.54 19.01 6.25
N THR B 129 1.25 20.26 6.59
CA THR B 129 0.06 20.94 6.16
C THR B 129 0.51 22.18 5.41
N ASN B 130 -0.35 23.06 4.90
CA ASN B 130 0.11 24.21 4.12
C ASN B 130 0.80 25.16 5.06
N GLU B 131 0.42 25.14 6.32
CA GLU B 131 0.88 26.08 7.30
C GLU B 131 2.09 25.60 8.04
N PHE B 132 2.26 24.35 8.36
CA PHE B 132 3.37 23.91 9.14
C PHE B 132 3.95 22.57 8.70
N HIS B 133 5.19 22.38 9.08
CA HIS B 133 5.95 21.21 8.77
C HIS B 133 6.84 20.86 9.98
N PRO B 134 6.34 20.54 11.18
CA PRO B 134 7.17 20.33 12.32
C PRO B 134 8.15 19.16 12.24
N THR B 135 7.82 17.90 11.88
CA THR B 135 8.74 16.76 11.81
C THR B 135 10.01 17.01 11.03
N GLN B 136 9.90 17.84 10.00
CA GLN B 136 11.04 18.19 9.19
C GLN B 136 12.04 18.84 10.09
N LEU B 137 11.67 19.95 10.73
CA LEU B 137 12.61 20.67 11.54
C LEU B 137 13.15 19.88 12.70
N LEU B 138 12.48 18.81 13.13
CA LEU B 138 13.07 17.93 14.10
C LEU B 138 14.31 17.28 13.49
N ALA B 139 14.18 16.73 12.29
CA ALA B 139 15.30 16.12 11.60
C ALA B 139 16.37 17.14 11.47
N ASP B 140 16.03 18.38 11.11
CA ASP B 140 16.98 19.45 10.89
C ASP B 140 17.74 19.84 12.13
N LEU B 141 17.05 20.17 13.22
CA LEU B 141 17.73 20.56 14.45
C LEU B 141 18.62 19.43 14.96
N LEU B 142 18.20 18.14 14.81
CA LEU B 142 19.04 16.97 15.13
C LEU B 142 20.25 16.97 14.19
N THR B 143 20.14 17.23 12.90
CA THR B 143 21.28 17.24 11.98
C THR B 143 22.26 18.35 12.37
N MET B 144 21.73 19.43 12.92
CA MET B 144 22.55 20.56 13.31
C MET B 144 23.34 20.19 14.56
N GLN B 145 22.75 19.61 15.60
CA GLN B 145 23.45 19.17 16.81
C GLN B 145 24.61 18.31 16.38
N GLU B 146 24.33 17.27 15.63
CA GLU B 146 25.33 16.34 15.17
C GLU B 146 26.51 16.97 14.43
N HIS B 147 26.25 17.97 13.61
CA HIS B 147 27.33 18.59 12.89
C HIS B 147 27.92 19.78 13.66
N LEU B 148 27.48 20.12 14.87
CA LEU B 148 28.18 21.05 15.74
C LEU B 148 28.06 20.51 17.15
N PRO B 149 28.70 19.40 17.49
CA PRO B 149 28.56 18.73 18.75
C PRO B 149 28.93 19.69 19.85
N GLY B 150 28.10 19.77 20.88
CA GLY B 150 28.39 20.63 21.99
C GLY B 150 27.84 22.05 21.80
N LYS B 151 28.01 22.73 20.65
CA LYS B 151 27.43 24.07 20.55
C LYS B 151 25.93 23.98 20.75
N ALA B 152 25.39 24.85 21.57
CA ALA B 152 23.96 24.87 21.84
C ALA B 152 23.31 25.62 20.70
N PHE B 153 22.02 25.41 20.44
CA PHE B 153 21.41 26.05 19.29
C PHE B 153 21.41 27.56 19.33
N ASN B 154 21.39 28.09 20.56
CA ASN B 154 21.66 29.47 20.91
C ASN B 154 22.88 29.99 20.18
N GLU B 155 23.95 29.21 20.05
CA GLU B 155 25.18 29.68 19.46
C GLU B 155 25.44 29.11 18.08
N MET B 156 24.35 29.06 17.31
CA MET B 156 24.33 28.69 15.91
C MET B 156 23.66 29.77 15.07
N THR B 157 24.12 29.94 13.85
CA THR B 157 23.49 30.85 12.93
C THR B 157 22.86 30.06 11.77
N LEU B 158 21.57 30.18 11.53
CA LEU B 158 20.94 29.48 10.44
C LEU B 158 20.53 30.44 9.38
N VAL B 159 20.94 30.25 8.14
CA VAL B 159 20.36 31.04 7.04
C VAL B 159 19.37 30.17 6.28
N TYR B 160 18.16 30.64 6.06
CA TYR B 160 17.21 29.96 5.22
C TYR B 160 16.97 31.01 4.17
N ALA B 161 17.42 30.68 2.97
CA ALA B 161 17.39 31.54 1.81
C ALA B 161 16.32 31.15 0.81
N GLY B 162 15.73 32.09 0.08
CA GLY B 162 14.72 31.71 -0.87
C GLY B 162 13.31 32.09 -0.45
N ASP B 163 12.28 31.35 -0.81
CA ASP B 163 10.93 31.72 -0.50
C ASP B 163 10.59 31.27 0.90
N ALA B 164 9.97 32.11 1.69
CA ALA B 164 9.67 31.74 3.04
C ALA B 164 8.22 31.92 3.39
N ARG B 165 7.42 32.56 2.56
CA ARG B 165 6.00 32.83 2.81
C ARG B 165 5.28 31.50 2.67
N ASN B 166 5.54 30.56 3.55
CA ASN B 166 5.10 29.20 3.33
C ASN B 166 5.44 28.41 4.56
N ASN B 167 4.98 27.17 4.65
CA ASN B 167 5.23 26.29 5.76
C ASN B 167 6.69 26.03 6.06
N MET B 168 7.61 26.20 5.14
CA MET B 168 8.98 26.05 5.55
C MET B 168 9.39 27.29 6.34
N GLY B 169 9.03 28.50 5.89
CA GLY B 169 9.34 29.76 6.55
C GLY B 169 8.68 29.82 7.90
N ASN B 170 7.38 29.54 7.98
CA ASN B 170 6.66 29.45 9.25
C ASN B 170 7.36 28.49 10.17
N SER B 171 7.79 27.32 9.70
CA SER B 171 8.45 26.35 10.55
C SER B 171 9.82 26.80 11.04
N MET B 172 10.61 27.52 10.22
CA MET B 172 11.88 28.04 10.66
C MET B 172 11.57 28.98 11.81
N LEU B 173 10.53 29.83 11.68
CA LEU B 173 10.21 30.74 12.74
C LEU B 173 9.92 30.06 14.04
N GLU B 174 9.05 29.04 14.05
CA GLU B 174 8.74 28.31 15.27
C GLU B 174 9.96 27.59 15.82
N ALA B 175 10.91 27.19 14.95
CA ALA B 175 12.13 26.56 15.39
C ALA B 175 12.93 27.61 16.13
N ALA B 176 13.23 28.79 15.54
CA ALA B 176 14.02 29.83 16.21
C ALA B 176 13.45 30.14 17.60
N ALA B 177 12.13 30.33 17.66
CA ALA B 177 11.44 30.62 18.90
C ALA B 177 11.68 29.64 20.00
N LEU B 178 11.75 28.36 19.71
CA LEU B 178 11.92 27.38 20.74
C LEU B 178 13.37 27.05 20.96
N THR B 179 14.26 27.74 20.26
CA THR B 179 15.65 27.32 20.23
C THR B 179 16.65 28.39 20.65
N GLY B 180 16.42 29.63 20.19
CA GLY B 180 17.28 30.73 20.45
C GLY B 180 18.28 30.86 19.33
N LEU B 181 17.86 30.48 18.09
CA LEU B 181 18.76 30.50 16.94
C LEU B 181 18.87 31.85 16.34
N ASP B 182 20.06 32.23 15.92
CA ASP B 182 20.24 33.44 15.14
C ASP B 182 19.73 33.00 13.74
N LEU B 183 18.46 33.18 13.43
CA LEU B 183 17.87 32.74 12.19
C LEU B 183 17.69 33.87 11.21
N ARG B 184 18.22 33.77 9.99
CA ARG B 184 18.16 34.84 9.01
C ARG B 184 17.40 34.34 7.82
N LEU B 185 16.28 34.95 7.50
CA LEU B 185 15.51 34.57 6.35
C LEU B 185 15.97 35.61 5.36
N VAL B 186 16.68 35.08 4.34
CA VAL B 186 17.31 35.83 3.26
C VAL B 186 16.42 35.53 2.06
N ALA B 187 15.41 36.33 1.88
CA ALA B 187 14.34 36.10 0.93
C ALA B 187 14.01 37.42 0.32
N PRO B 188 13.45 37.51 -0.90
CA PRO B 188 12.80 38.72 -1.36
C PRO B 188 11.64 39.17 -0.46
N GLN B 189 11.30 40.47 -0.35
CA GLN B 189 10.17 40.94 0.46
C GLN B 189 8.89 40.23 0.14
N ALA B 190 8.66 39.85 -1.10
CA ALA B 190 7.41 39.16 -1.49
C ALA B 190 7.20 37.81 -0.86
N CYS B 191 8.37 37.27 -0.52
CA CYS B 191 8.53 35.94 0.02
C CYS B 191 8.91 35.95 1.50
N TRP B 192 8.52 36.92 2.29
CA TRP B 192 8.77 36.91 3.74
C TRP B 192 7.60 36.26 4.50
N PRO B 193 7.78 35.56 5.61
CA PRO B 193 6.72 34.88 6.34
C PRO B 193 5.68 35.83 6.84
N GLU B 194 4.47 35.47 7.24
CA GLU B 194 3.55 36.49 7.71
C GLU B 194 4.02 37.04 9.04
N ALA B 195 3.84 38.36 9.05
CA ALA B 195 4.26 39.28 10.07
C ALA B 195 3.89 38.90 11.46
N ALA B 196 2.65 38.55 11.76
CA ALA B 196 2.34 38.22 13.13
C ALA B 196 3.16 37.08 13.73
N LEU B 197 3.40 36.00 13.00
CA LEU B 197 4.17 34.89 13.48
C LEU B 197 5.59 35.40 13.67
N VAL B 198 6.16 36.25 12.80
CA VAL B 198 7.50 36.74 12.96
C VAL B 198 7.52 37.57 14.24
N THR B 199 6.47 38.34 14.56
CA THR B 199 6.46 39.17 15.75
C THR B 199 6.56 38.27 16.99
N GLU B 200 5.74 37.24 17.01
CA GLU B 200 5.67 36.29 18.07
C GLU B 200 6.96 35.51 18.22
N CYS B 201 7.40 34.82 17.19
CA CYS B 201 8.54 33.94 17.29
C CYS B 201 9.83 34.71 17.41
N ARG B 202 10.00 35.96 16.99
CA ARG B 202 11.23 36.73 17.22
C ARG B 202 11.36 36.96 18.72
N ALA B 203 10.27 37.41 19.34
CA ALA B 203 10.19 37.72 20.73
C ALA B 203 10.50 36.46 21.47
N LEU B 204 9.98 35.30 21.12
CA LEU B 204 10.43 34.10 21.81
C LEU B 204 11.88 33.73 21.54
N ALA B 205 12.32 33.96 20.31
CA ALA B 205 13.69 33.65 19.90
C ALA B 205 14.72 34.39 20.75
N GLN B 206 14.51 35.70 20.83
CA GLN B 206 15.32 36.60 21.61
C GLN B 206 15.38 36.24 23.07
N GLN B 207 14.19 36.03 23.56
CA GLN B 207 14.01 35.55 24.90
C GLN B 207 14.80 34.27 25.17
N ASN B 208 15.18 33.49 24.16
CA ASN B 208 15.94 32.29 24.39
C ASN B 208 17.36 32.43 23.98
N GLY B 209 17.77 33.59 23.48
CA GLY B 209 19.16 33.80 23.13
C GLY B 209 19.47 33.96 21.64
N GLY B 210 18.47 34.03 20.80
CA GLY B 210 18.74 34.25 19.39
C GLY B 210 17.94 35.46 18.98
N ASN B 211 17.68 35.65 17.67
CA ASN B 211 16.82 36.73 17.18
C ASN B 211 16.54 36.41 15.73
N ILE B 212 15.32 36.72 15.23
CA ILE B 212 14.99 36.51 13.83
C ILE B 212 15.22 37.73 12.97
N THR B 213 16.19 37.67 12.08
CA THR B 213 16.51 38.72 11.13
C THR B 213 15.95 38.35 9.75
N LEU B 214 15.30 39.24 8.96
CA LEU B 214 14.73 38.96 7.64
C LEU B 214 15.44 39.96 6.76
N THR B 215 16.06 39.64 5.63
CA THR B 215 16.77 40.59 4.79
C THR B 215 16.59 40.11 3.37
N GLU B 216 16.95 41.00 2.45
CA GLU B 216 17.01 40.79 1.03
C GLU B 216 18.49 40.79 0.65
N ASP B 217 19.38 41.10 1.58
CA ASP B 217 20.80 41.14 1.34
C ASP B 217 21.38 39.76 1.43
N VAL B 218 21.85 39.10 0.36
CA VAL B 218 22.52 37.79 0.50
C VAL B 218 23.72 38.03 1.42
N ALA B 219 24.63 38.96 1.11
CA ALA B 219 25.81 39.22 1.89
C ALA B 219 25.59 39.59 3.37
N LYS B 220 24.64 40.48 3.67
CA LYS B 220 24.33 40.78 5.04
C LYS B 220 23.58 39.62 5.73
N GLY B 221 22.74 38.82 5.05
CA GLY B 221 22.01 37.71 5.67
C GLY B 221 22.91 36.50 5.99
N VAL B 222 23.88 36.32 5.11
CA VAL B 222 24.76 35.20 5.14
C VAL B 222 25.90 35.51 6.11
N GLU B 223 26.42 36.73 6.15
CA GLU B 223 27.51 37.20 7.00
C GLU B 223 28.25 36.23 7.95
N GLY B 224 27.63 35.48 8.89
CA GLY B 224 28.41 34.52 9.67
C GLY B 224 27.66 33.22 9.89
N ALA B 225 27.05 32.72 8.81
CA ALA B 225 26.22 31.57 8.88
C ALA B 225 26.96 30.27 9.12
N ASP B 226 26.29 29.47 9.89
CA ASP B 226 26.72 28.18 10.34
C ASP B 226 26.32 27.06 9.41
N PHE B 227 25.04 27.20 9.04
CA PHE B 227 24.29 26.38 8.09
C PHE B 227 23.56 27.27 7.08
N ILE B 228 23.45 26.88 5.81
CA ILE B 228 22.63 27.62 4.88
C ILE B 228 21.69 26.56 4.36
N TYR B 229 20.44 26.95 4.33
CA TYR B 229 19.33 26.07 4.08
C TYR B 229 18.56 26.70 2.97
N THR B 230 18.11 25.90 2.01
CA THR B 230 17.20 26.35 0.98
C THR B 230 16.29 25.19 0.60
N ASP B 231 15.35 25.50 -0.30
CA ASP B 231 14.42 24.57 -0.85
C ASP B 231 13.94 25.11 -2.19
N VAL B 232 13.34 24.25 -3.01
CA VAL B 232 12.80 24.52 -4.33
C VAL B 232 12.09 25.87 -4.45
N TRP B 233 12.23 26.55 -5.59
CA TRP B 233 11.60 27.84 -5.80
C TRP B 233 10.19 27.78 -6.35
N VAL B 234 10.02 27.01 -7.38
CA VAL B 234 8.75 26.96 -8.07
C VAL B 234 7.93 25.72 -7.64
N ARG B 246 8.81 33.44 -10.41
CA ARG B 246 9.41 32.81 -9.26
C ARG B 246 10.92 32.72 -9.45
N ILE B 247 11.40 32.08 -10.54
CA ILE B 247 12.82 32.06 -10.85
C ILE B 247 13.39 33.47 -10.96
N ALA B 248 12.48 34.38 -11.27
CA ALA B 248 12.76 35.81 -11.31
C ALA B 248 13.22 36.36 -9.96
N LEU B 249 12.35 36.57 -8.98
CA LEU B 249 12.84 37.19 -7.77
C LEU B 249 13.74 36.28 -7.02
N LEU B 250 13.57 34.95 -7.20
CA LEU B 250 14.34 33.99 -6.42
C LEU B 250 15.71 33.67 -6.93
N ARG B 251 15.97 33.87 -8.21
CA ARG B 251 17.25 33.60 -8.86
C ARG B 251 18.46 34.01 -8.03
N GLU B 252 18.62 35.30 -7.70
CA GLU B 252 19.72 35.81 -6.90
C GLU B 252 19.88 35.18 -5.54
N TYR B 253 18.95 34.32 -5.10
CA TYR B 253 19.08 33.67 -3.83
C TYR B 253 19.65 32.27 -3.89
N GLN B 254 20.00 31.75 -5.05
CA GLN B 254 20.57 30.44 -5.26
C GLN B 254 21.71 30.13 -4.31
N VAL B 255 21.73 29.04 -3.55
CA VAL B 255 22.87 28.74 -2.70
C VAL B 255 23.95 28.17 -3.63
N ASN B 256 25.01 28.89 -3.82
CA ASN B 256 26.11 28.45 -4.65
C ASN B 256 27.36 28.66 -3.85
N SER B 257 28.56 28.30 -4.31
CA SER B 257 29.74 28.42 -3.47
C SER B 257 30.12 29.86 -3.13
N LYS B 258 29.63 30.84 -3.89
CA LYS B 258 29.81 32.26 -3.56
C LYS B 258 29.03 32.56 -2.28
N MET B 259 27.83 32.03 -2.12
CA MET B 259 27.08 32.24 -0.92
C MET B 259 27.79 31.61 0.25
N MET B 260 28.29 30.40 0.02
CA MET B 260 28.97 29.64 1.04
C MET B 260 30.21 30.44 1.44
N GLN B 261 30.95 31.01 0.48
CA GLN B 261 32.10 31.86 0.75
C GLN B 261 31.70 33.14 1.52
N LEU B 262 30.64 33.85 1.11
CA LEU B 262 30.18 35.05 1.78
C LEU B 262 29.84 34.82 3.24
N THR B 263 30.00 33.64 3.86
CA THR B 263 29.74 33.51 5.27
C THR B 263 31.02 33.87 6.01
N GLY B 264 32.16 33.94 5.29
CA GLY B 264 33.47 34.10 5.87
C GLY B 264 33.75 32.92 6.76
N ASN B 265 32.98 31.83 6.68
CA ASN B 265 33.04 30.69 7.58
C ASN B 265 33.43 29.42 6.82
N PRO B 266 34.63 28.88 6.99
CA PRO B 266 35.08 27.75 6.24
C PRO B 266 34.28 26.50 6.60
N GLU B 267 33.84 26.37 7.87
CA GLU B 267 33.05 25.23 8.27
C GLU B 267 31.54 25.37 7.99
N VAL B 268 31.06 26.16 7.02
CA VAL B 268 29.62 26.32 6.78
C VAL B 268 29.13 25.04 6.15
N LYS B 269 27.96 24.61 6.63
CA LYS B 269 27.34 23.40 6.13
C LYS B 269 25.96 23.68 5.45
N PHE B 270 25.53 22.84 4.53
CA PHE B 270 24.35 23.03 3.70
C PHE B 270 23.28 21.96 3.97
N LEU B 271 22.02 22.37 4.03
CA LEU B 271 20.87 21.54 4.33
C LEU B 271 19.79 21.78 3.28
N HIS B 272 18.96 20.82 2.96
CA HIS B 272 17.87 21.02 2.02
C HIS B 272 16.84 19.95 2.34
N CYS B 273 15.57 20.25 2.55
CA CYS B 273 14.62 19.18 2.81
C CYS B 273 14.53 18.55 1.42
N LEU B 274 14.87 17.35 0.97
CA LEU B 274 14.79 17.06 -0.47
C LEU B 274 13.35 16.93 -1.00
N PRO B 275 12.97 16.97 -2.30
CA PRO B 275 13.81 16.90 -3.49
C PRO B 275 14.49 18.21 -3.81
N ALA B 276 15.56 18.23 -4.56
CA ALA B 276 16.26 19.45 -4.85
C ALA B 276 16.55 19.59 -6.33
N PHE B 277 16.57 20.76 -6.96
CA PHE B 277 16.97 20.81 -8.34
C PHE B 277 18.37 21.35 -8.46
N HIS B 278 19.31 20.42 -8.45
CA HIS B 278 20.72 20.77 -8.62
C HIS B 278 21.39 20.31 -9.92
N ASP B 279 20.84 19.25 -10.57
CA ASP B 279 21.36 18.70 -11.80
C ASP B 279 20.84 19.50 -12.93
N ASP B 280 21.59 19.19 -13.99
CA ASP B 280 21.31 19.58 -15.38
C ASP B 280 21.02 18.24 -16.09
N GLN B 281 20.41 17.36 -15.32
CA GLN B 281 20.06 16.07 -15.77
C GLN B 281 18.56 16.00 -15.64
N THR B 282 17.98 15.69 -14.46
CA THR B 282 16.53 15.50 -14.31
C THR B 282 15.64 16.34 -15.24
N THR B 283 14.61 15.75 -15.84
CA THR B 283 13.82 16.37 -16.89
C THR B 283 13.32 17.78 -16.61
N LEU B 284 12.77 17.97 -15.42
CA LEU B 284 12.29 19.29 -15.03
C LEU B 284 13.46 20.23 -14.78
N GLY B 285 14.52 19.78 -14.11
CA GLY B 285 15.70 20.59 -13.95
C GLY B 285 16.39 20.98 -15.29
N LYS B 286 16.32 20.16 -16.33
CA LYS B 286 16.90 20.46 -17.63
C LYS B 286 16.05 21.47 -18.35
N LYS B 287 14.72 21.42 -18.26
CA LYS B 287 13.87 22.40 -18.93
C LYS B 287 14.21 23.77 -18.43
N MET B 288 14.29 23.83 -17.11
CA MET B 288 14.63 25.02 -16.36
C MET B 288 16.05 25.46 -16.69
N ALA B 289 17.07 24.58 -16.74
CA ALA B 289 18.45 24.88 -17.07
C ALA B 289 18.60 25.55 -18.39
N GLU B 290 17.94 25.04 -19.42
CA GLU B 290 18.02 25.63 -20.75
C GLU B 290 17.08 26.83 -20.75
N GLU B 291 15.75 26.69 -20.63
CA GLU B 291 14.81 27.80 -20.75
C GLU B 291 15.14 29.07 -20.01
N PHE B 292 15.64 28.90 -18.79
CA PHE B 292 15.91 29.99 -17.89
C PHE B 292 17.40 30.09 -17.62
N GLY B 293 18.23 29.41 -18.40
CA GLY B 293 19.64 29.56 -18.34
C GLY B 293 20.30 29.32 -17.01
N LEU B 294 19.69 28.62 -16.06
CA LEU B 294 20.31 28.25 -14.79
C LEU B 294 21.11 26.94 -14.93
N HIS B 295 22.29 26.91 -15.56
CA HIS B 295 23.09 25.71 -15.69
C HIS B 295 23.73 25.49 -14.35
N GLY B 296 24.18 24.28 -14.00
CA GLY B 296 24.74 24.01 -12.67
C GLY B 296 23.66 23.92 -11.58
N GLY B 297 22.39 23.90 -11.91
CA GLY B 297 21.36 23.81 -10.90
C GLY B 297 20.54 25.08 -10.69
N MET B 298 19.38 24.83 -10.08
CA MET B 298 18.43 25.89 -9.83
C MET B 298 18.62 26.42 -8.44
N GLU B 299 17.95 25.98 -7.38
CA GLU B 299 18.11 26.62 -6.10
C GLU B 299 19.41 26.28 -5.48
N VAL B 300 19.99 25.07 -5.57
CA VAL B 300 21.33 24.82 -5.04
C VAL B 300 22.16 24.54 -6.25
N THR B 301 23.41 24.91 -6.32
CA THR B 301 24.20 24.44 -7.40
C THR B 301 24.58 22.99 -7.16
N ASP B 302 24.76 22.14 -8.14
CA ASP B 302 25.23 20.79 -7.94
C ASP B 302 26.58 20.77 -7.24
N GLU B 303 27.51 21.69 -7.53
CA GLU B 303 28.80 21.70 -6.84
C GLU B 303 28.65 21.99 -5.35
N VAL B 304 27.67 22.74 -4.89
CA VAL B 304 27.43 22.81 -3.45
C VAL B 304 26.66 21.57 -3.00
N PHE B 305 25.60 21.07 -3.66
CA PHE B 305 24.83 19.91 -3.23
C PHE B 305 25.74 18.70 -3.04
N GLU B 306 26.72 18.52 -3.92
CA GLU B 306 27.59 17.40 -3.78
C GLU B 306 28.88 17.82 -3.08
N SER B 307 28.85 18.95 -2.36
CA SER B 307 30.00 19.48 -1.61
C SER B 307 30.29 18.69 -0.35
N ALA B 308 31.45 18.83 0.23
CA ALA B 308 31.71 18.27 1.57
C ALA B 308 30.98 19.00 2.68
N ALA B 309 30.33 20.09 2.32
CA ALA B 309 29.57 20.96 3.16
C ALA B 309 28.12 20.54 3.27
N SER B 310 27.56 19.69 2.35
CA SER B 310 26.17 19.28 2.34
C SER B 310 25.99 18.15 3.27
N ILE B 311 25.10 18.40 4.20
CA ILE B 311 24.79 17.38 5.14
C ILE B 311 23.40 16.86 4.82
N VAL B 312 22.99 17.09 3.56
CA VAL B 312 21.69 16.76 3.01
C VAL B 312 21.22 15.33 3.23
N PHE B 313 22.05 14.32 3.09
CA PHE B 313 21.56 12.94 3.26
C PHE B 313 21.62 12.47 4.70
N ASP B 314 22.35 13.16 5.56
CA ASP B 314 22.27 12.86 6.97
C ASP B 314 20.93 13.47 7.37
N GLN B 315 20.58 14.65 6.83
CA GLN B 315 19.31 15.33 7.12
C GLN B 315 18.15 14.43 6.73
N ALA B 316 18.27 13.76 5.57
CA ALA B 316 17.25 12.87 5.07
C ALA B 316 17.13 11.68 5.96
N GLU B 317 18.24 11.08 6.49
CA GLU B 317 18.24 9.91 7.37
C GLU B 317 17.58 10.30 8.70
N ASN B 318 17.88 11.52 9.15
CA ASN B 318 17.36 12.02 10.40
C ASN B 318 15.89 12.22 10.42
N ARG B 319 15.28 12.26 9.26
CA ARG B 319 13.84 12.33 9.16
C ARG B 319 13.23 11.14 9.87
N MET B 320 13.88 9.99 9.72
CA MET B 320 13.34 8.77 10.30
C MET B 320 13.53 8.80 11.81
N HIS B 321 14.72 9.18 12.33
CA HIS B 321 14.99 9.06 13.76
C HIS B 321 14.12 9.96 14.60
N THR B 322 13.68 11.08 14.01
CA THR B 322 12.82 12.01 14.72
C THR B 322 11.35 11.64 14.61
N ILE B 323 10.81 11.12 13.52
CA ILE B 323 9.42 10.66 13.45
C ILE B 323 9.27 9.51 14.44
N LYS B 324 10.28 8.66 14.55
CA LYS B 324 10.26 7.59 15.51
C LYS B 324 10.19 8.19 16.90
N ALA B 325 11.04 9.18 17.28
CA ALA B 325 10.98 9.87 18.57
C ALA B 325 9.57 10.39 18.81
N VAL B 326 8.93 11.12 17.89
CA VAL B 326 7.56 11.65 18.04
C VAL B 326 6.65 10.51 18.44
N MET B 327 6.57 9.41 17.65
CA MET B 327 5.75 8.23 17.93
C MET B 327 6.08 7.52 19.22
N VAL B 328 7.35 7.29 19.57
CA VAL B 328 7.67 6.65 20.85
C VAL B 328 7.25 7.59 21.96
N ALA B 329 7.52 8.90 21.85
CA ALA B 329 7.20 9.82 22.90
C ALA B 329 5.72 9.85 23.23
N THR B 330 4.87 9.72 22.22
CA THR B 330 3.44 9.91 22.42
C THR B 330 2.62 8.65 22.52
N LEU B 331 3.15 7.51 22.15
CA LEU B 331 2.39 6.28 22.30
C LEU B 331 2.96 5.44 23.41
N SER B 332 4.13 5.63 23.99
CA SER B 332 4.57 4.77 25.04
C SER B 332 5.01 5.63 26.19
N LYS B 333 5.36 4.98 27.29
CA LYS B 333 5.71 5.63 28.56
C LYS B 333 7.08 5.26 29.17
N SER C 1 30.60 -17.27 -5.59
CA SER C 1 31.01 -16.39 -4.51
C SER C 1 29.72 -16.04 -3.76
N GLY C 2 29.90 -15.81 -2.45
CA GLY C 2 28.78 -15.47 -1.57
C GLY C 2 28.24 -14.12 -2.04
N PHE C 3 26.92 -14.25 -2.23
CA PHE C 3 25.99 -13.21 -2.59
C PHE C 3 25.86 -12.16 -1.52
N TYR C 4 26.35 -12.25 -0.26
CA TYR C 4 26.00 -11.28 0.79
C TYR C 4 26.24 -9.86 0.33
N HIS C 5 25.11 -9.15 0.33
CA HIS C 5 25.03 -7.78 -0.08
C HIS C 5 25.42 -7.56 -1.53
N LYS C 6 25.12 -8.50 -2.39
CA LYS C 6 25.39 -8.32 -3.79
C LYS C 6 24.11 -7.77 -4.33
N HIS C 7 24.09 -7.19 -5.52
CA HIS C 7 22.91 -6.72 -6.19
C HIS C 7 22.48 -7.81 -7.16
N PHE C 8 21.26 -7.80 -7.65
CA PHE C 8 20.74 -8.84 -8.49
C PHE C 8 20.13 -8.14 -9.69
N LEU C 9 20.97 -7.83 -10.67
CA LEU C 9 20.55 -6.98 -11.79
C LEU C 9 20.42 -7.71 -13.13
N LYS C 10 21.04 -8.85 -13.32
CA LYS C 10 20.96 -9.61 -14.55
C LYS C 10 21.63 -10.94 -14.21
N LEU C 11 21.36 -12.01 -14.96
CA LEU C 11 21.88 -13.30 -14.59
C LEU C 11 23.34 -13.44 -14.88
N LEU C 12 23.81 -12.89 -15.98
CA LEU C 12 25.21 -13.02 -16.28
C LEU C 12 26.18 -12.37 -15.31
N ASP C 13 25.80 -11.58 -14.31
CA ASP C 13 26.75 -11.12 -13.30
C ASP C 13 27.05 -12.24 -12.33
N PHE C 14 26.49 -13.45 -12.50
CA PHE C 14 26.72 -14.54 -11.56
C PHE C 14 27.37 -15.71 -12.27
N THR C 15 28.09 -16.60 -11.58
CA THR C 15 28.70 -17.75 -12.23
C THR C 15 27.65 -18.87 -12.23
N PRO C 16 27.73 -19.95 -13.01
CA PRO C 16 26.82 -21.07 -12.88
C PRO C 16 26.89 -21.66 -11.47
N ALA C 17 27.99 -21.57 -10.75
CA ALA C 17 27.98 -22.14 -9.41
C ALA C 17 27.20 -21.24 -8.49
N GLU C 18 27.18 -19.93 -8.75
CA GLU C 18 26.42 -19.03 -7.89
C GLU C 18 24.97 -19.28 -8.21
N LEU C 19 24.60 -19.30 -9.51
CA LEU C 19 23.23 -19.59 -9.94
C LEU C 19 22.75 -20.87 -9.30
N ASN C 20 23.49 -21.97 -9.41
CA ASN C 20 23.08 -23.24 -8.83
C ASN C 20 22.81 -23.14 -7.34
N SER C 21 23.63 -22.36 -6.62
CA SER C 21 23.49 -22.10 -5.21
C SER C 21 22.21 -21.33 -4.98
N LEU C 22 21.88 -20.22 -5.65
CA LEU C 22 20.59 -19.58 -5.49
C LEU C 22 19.47 -20.60 -5.62
N LEU C 23 19.50 -21.34 -6.74
CA LEU C 23 18.47 -22.32 -7.05
C LEU C 23 18.34 -23.37 -5.94
N GLN C 24 19.44 -23.85 -5.35
CA GLN C 24 19.29 -24.77 -4.24
C GLN C 24 18.75 -24.08 -3.01
N LEU C 25 19.14 -22.84 -2.71
CA LEU C 25 18.58 -22.14 -1.56
C LEU C 25 17.05 -21.97 -1.70
N ALA C 26 16.59 -21.70 -2.94
CA ALA C 26 15.19 -21.55 -3.30
C ALA C 26 14.40 -22.80 -3.03
N ALA C 27 15.06 -23.92 -3.26
CA ALA C 27 14.43 -25.20 -3.02
C ALA C 27 14.50 -25.59 -1.55
N LYS C 28 15.51 -25.25 -0.72
CA LYS C 28 15.47 -25.54 0.73
C LYS C 28 14.32 -24.77 1.32
N LEU C 29 14.24 -23.47 1.05
CA LEU C 29 13.20 -22.59 1.56
C LEU C 29 11.84 -23.01 1.07
N LYS C 30 11.66 -23.54 -0.14
CA LYS C 30 10.35 -24.03 -0.54
C LYS C 30 9.94 -25.19 0.36
N ALA C 31 10.85 -26.12 0.56
CA ALA C 31 10.58 -27.30 1.29
C ALA C 31 10.30 -26.94 2.70
N ASP C 32 11.05 -26.01 3.27
CA ASP C 32 10.89 -25.54 4.64
C ASP C 32 9.55 -24.85 4.92
N LYS C 33 9.00 -24.02 4.03
CA LYS C 33 7.70 -23.44 4.26
C LYS C 33 6.69 -24.55 4.18
N LYS C 34 6.81 -25.42 3.17
CA LYS C 34 5.83 -26.47 2.99
C LYS C 34 5.85 -27.40 4.18
N SER C 35 7.01 -27.53 4.84
CA SER C 35 7.10 -28.42 5.98
C SER C 35 6.85 -27.77 7.31
N GLY C 36 6.57 -26.48 7.25
CA GLY C 36 6.32 -25.71 8.45
C GLY C 36 7.57 -25.40 9.26
N LYS C 37 8.80 -25.51 8.75
CA LYS C 37 9.91 -25.10 9.59
C LYS C 37 10.96 -24.21 8.89
N GLU C 38 10.37 -23.12 8.42
CA GLU C 38 11.07 -22.04 7.79
C GLU C 38 11.76 -21.23 8.85
N GLU C 39 13.02 -20.98 8.66
CA GLU C 39 13.78 -20.12 9.55
C GLU C 39 13.83 -18.77 8.91
N ALA C 40 13.04 -17.92 9.51
CA ALA C 40 13.00 -16.54 9.12
C ALA C 40 14.33 -15.88 9.35
N LYS C 41 15.11 -15.64 8.32
CA LYS C 41 16.41 -14.99 8.46
C LYS C 41 16.51 -13.50 8.18
N LEU C 42 15.36 -12.85 7.96
CA LEU C 42 15.36 -11.43 7.66
C LEU C 42 14.50 -10.69 8.68
N THR C 43 14.46 -11.12 9.94
CA THR C 43 13.47 -10.63 10.89
C THR C 43 13.56 -9.19 11.32
N GLY C 44 14.40 -8.36 10.78
CA GLY C 44 14.42 -6.97 11.17
C GLY C 44 14.56 -6.03 10.00
N LYS C 45 14.60 -6.60 8.81
CA LYS C 45 14.90 -5.91 7.57
C LYS C 45 13.72 -5.11 7.05
N ASN C 46 13.95 -3.99 6.41
CA ASN C 46 12.88 -3.24 5.83
C ASN C 46 13.26 -3.12 4.38
N ILE C 47 12.41 -3.60 3.50
CA ILE C 47 12.66 -3.67 2.07
C ILE C 47 11.75 -2.67 1.40
N ALA C 48 12.20 -1.96 0.35
CA ALA C 48 11.38 -1.01 -0.39
C ALA C 48 11.16 -1.57 -1.76
N LEU C 49 9.93 -1.51 -2.24
CA LEU C 49 9.61 -2.11 -3.50
C LEU C 49 9.18 -1.02 -4.45
N ILE C 50 10.06 -0.56 -5.32
CA ILE C 50 9.76 0.49 -6.27
C ILE C 50 9.24 -0.21 -7.50
N PHE C 51 8.05 0.18 -7.94
CA PHE C 51 7.43 -0.38 -9.13
C PHE C 51 7.07 0.78 -9.98
N GLU C 52 7.91 1.11 -10.94
CA GLU C 52 7.57 2.19 -11.85
C GLU C 52 6.43 1.88 -12.82
N LYS C 53 6.24 0.59 -13.01
CA LYS C 53 5.19 0.07 -13.84
C LYS C 53 4.74 -1.10 -13.05
N ASP C 54 3.43 -1.25 -13.07
CA ASP C 54 2.81 -2.35 -12.38
C ASP C 54 3.22 -3.76 -12.70
N SER C 55 2.77 -4.58 -11.78
CA SER C 55 2.89 -6.02 -11.83
C SER C 55 2.24 -6.59 -10.58
N THR C 56 1.05 -7.17 -10.74
CA THR C 56 0.30 -7.80 -9.61
C THR C 56 1.20 -8.83 -8.94
N ARG C 57 1.87 -9.64 -9.83
CA ARG C 57 2.70 -10.80 -9.49
C ARG C 57 4.02 -10.60 -8.81
N THR C 58 4.85 -9.72 -9.38
CA THR C 58 6.12 -9.51 -8.76
C THR C 58 5.87 -8.91 -7.36
N ARG C 59 4.89 -8.01 -7.18
CA ARG C 59 4.64 -7.39 -5.91
C ARG C 59 4.30 -8.47 -4.91
N CYS C 60 3.37 -9.34 -5.29
CA CYS C 60 2.95 -10.39 -4.41
C CYS C 60 4.12 -11.30 -4.14
N SER C 61 4.96 -11.73 -5.08
CA SER C 61 6.07 -12.62 -4.75
C SER C 61 7.03 -11.99 -3.78
N PHE C 62 7.32 -10.71 -3.97
CA PHE C 62 8.24 -9.97 -3.09
C PHE C 62 7.64 -9.74 -1.72
N GLU C 63 6.37 -9.39 -1.61
CA GLU C 63 5.73 -9.23 -0.33
C GLU C 63 5.62 -10.54 0.42
N VAL C 64 5.04 -11.63 -0.05
CA VAL C 64 4.96 -12.90 0.65
C VAL C 64 6.35 -13.44 1.00
N ALA C 65 7.33 -13.34 0.09
CA ALA C 65 8.66 -13.83 0.36
C ALA C 65 9.26 -13.08 1.52
N ALA C 66 9.27 -11.74 1.50
CA ALA C 66 9.84 -10.93 2.56
C ALA C 66 9.20 -11.21 3.90
N TYR C 67 7.87 -11.15 3.94
CA TYR C 67 7.06 -11.42 5.15
C TYR C 67 7.26 -12.78 5.80
N ASP C 68 7.39 -13.87 5.04
CA ASP C 68 7.67 -15.18 5.58
C ASP C 68 8.97 -15.16 6.33
N GLN C 69 9.96 -14.43 5.83
CA GLN C 69 11.26 -14.31 6.47
C GLN C 69 11.37 -13.24 7.54
N GLY C 70 10.31 -12.56 7.92
CA GLY C 70 10.37 -11.56 8.96
C GLY C 70 10.58 -10.11 8.56
N ALA C 71 10.63 -9.77 7.27
CA ALA C 71 10.92 -8.42 6.88
C ALA C 71 9.65 -7.66 6.65
N ARG C 72 9.66 -6.33 6.72
CA ARG C 72 8.47 -5.55 6.46
C ARG C 72 8.70 -4.84 5.15
N VAL C 73 7.67 -4.66 4.35
CA VAL C 73 7.78 -4.16 2.99
C VAL C 73 7.19 -2.75 2.86
N THR C 74 7.79 -1.83 2.11
CA THR C 74 7.13 -0.56 1.81
C THR C 74 6.92 -0.57 0.29
N TYR C 75 5.68 -0.78 -0.17
CA TYR C 75 5.46 -0.73 -1.58
C TYR C 75 5.35 0.69 -2.16
N LEU C 76 6.17 1.02 -3.12
CA LEU C 76 6.20 2.32 -3.71
C LEU C 76 5.76 2.12 -5.15
N GLY C 77 4.46 2.32 -5.42
CA GLY C 77 3.86 2.04 -6.72
C GLY C 77 3.90 3.17 -7.74
N PRO C 78 3.49 2.91 -8.99
CA PRO C 78 3.49 3.93 -10.03
C PRO C 78 2.49 4.96 -9.58
N SER C 79 2.99 6.07 -9.03
CA SER C 79 2.09 7.10 -8.54
C SER C 79 2.92 8.38 -8.47
N GLY C 80 4.10 8.34 -7.84
CA GLY C 80 4.91 9.54 -7.80
C GLY C 80 5.53 9.68 -9.21
N SER C 81 5.81 10.92 -9.67
CA SER C 81 6.56 11.14 -10.90
C SER C 81 7.70 10.10 -10.87
N GLN C 82 8.02 9.44 -11.98
CA GLN C 82 9.06 8.47 -11.87
C GLN C 82 10.48 8.97 -11.89
N ILE C 83 11.26 8.19 -11.16
CA ILE C 83 12.67 8.41 -10.91
C ILE C 83 13.44 8.93 -12.12
N GLY C 84 13.81 10.23 -12.04
CA GLY C 84 14.49 10.94 -13.10
C GLY C 84 13.70 12.18 -13.50
N HIS C 85 12.42 12.24 -13.16
CA HIS C 85 11.60 13.34 -13.58
C HIS C 85 11.81 14.55 -12.70
N LYS C 86 11.56 14.46 -11.37
CA LYS C 86 11.78 15.60 -10.46
C LYS C 86 13.01 15.36 -9.55
N GLU C 87 13.56 14.14 -9.42
CA GLU C 87 14.68 13.93 -8.52
C GLU C 87 15.63 12.96 -9.17
N SER C 88 16.89 13.19 -8.92
CA SER C 88 17.99 12.46 -9.48
C SER C 88 17.97 10.98 -9.09
N ILE C 89 18.32 10.01 -9.94
CA ILE C 89 18.45 8.59 -9.53
C ILE C 89 19.43 8.55 -8.39
N LYS C 90 20.53 9.27 -8.55
CA LYS C 90 21.59 9.45 -7.55
C LYS C 90 20.99 9.93 -6.20
N ASP C 91 19.98 10.81 -6.16
CA ASP C 91 19.42 11.26 -4.90
C ASP C 91 18.39 10.28 -4.37
N THR C 92 17.52 9.72 -5.23
CA THR C 92 16.49 8.78 -4.83
C THR C 92 17.19 7.64 -4.11
N ALA C 93 18.19 7.05 -4.75
CA ALA C 93 18.94 5.93 -4.23
C ALA C 93 19.56 6.29 -2.90
N ARG C 94 20.33 7.40 -2.84
CA ARG C 94 21.02 7.84 -1.65
C ARG C 94 20.10 8.04 -0.47
N VAL C 95 18.88 8.50 -0.63
CA VAL C 95 17.99 8.68 0.50
C VAL C 95 17.50 7.32 0.88
N LEU C 96 17.04 6.49 -0.09
CA LEU C 96 16.47 5.18 0.18
C LEU C 96 17.39 4.29 0.96
N GLY C 97 18.67 4.25 0.61
CA GLY C 97 19.67 3.43 1.31
C GLY C 97 19.94 3.85 2.75
N ARG C 98 19.48 5.04 3.12
CA ARG C 98 19.54 5.51 4.48
C ARG C 98 18.47 4.85 5.33
N MET C 99 17.39 4.40 4.73
CA MET C 99 16.29 3.82 5.48
C MET C 99 15.99 2.36 5.33
N TYR C 100 16.13 1.89 4.10
CA TYR C 100 15.86 0.50 3.78
C TYR C 100 17.12 -0.31 3.66
N ASP C 101 16.92 -1.59 3.94
CA ASP C 101 17.91 -2.61 3.93
C ASP C 101 18.09 -3.29 2.59
N GLY C 102 17.18 -3.09 1.66
CA GLY C 102 17.26 -3.66 0.32
C GLY C 102 16.24 -2.97 -0.56
N ILE C 103 16.40 -2.79 -1.85
CA ILE C 103 15.43 -2.07 -2.68
C ILE C 103 15.09 -2.97 -3.86
N GLN C 104 13.84 -3.28 -4.19
CA GLN C 104 13.54 -4.00 -5.43
C GLN C 104 13.21 -2.93 -6.41
N TYR C 105 13.63 -2.99 -7.65
CA TYR C 105 13.20 -2.00 -8.60
C TYR C 105 12.58 -2.71 -9.79
N ARG C 106 11.44 -2.27 -10.29
CA ARG C 106 10.85 -2.77 -11.50
C ARG C 106 10.45 -1.56 -12.30
N GLY C 107 10.83 -1.47 -13.56
CA GLY C 107 10.51 -0.28 -14.32
C GLY C 107 11.03 -0.33 -15.73
N TYR C 108 11.76 0.72 -16.01
CA TYR C 108 12.28 1.00 -17.33
C TYR C 108 13.66 0.46 -17.68
N GLY C 109 14.68 1.23 -18.06
CA GLY C 109 15.89 0.67 -18.58
C GLY C 109 16.75 0.10 -17.53
N GLN C 110 17.71 -0.68 -17.98
CA GLN C 110 18.69 -1.26 -17.07
C GLN C 110 19.58 -0.18 -16.52
N GLU C 111 19.65 0.98 -17.14
CA GLU C 111 20.44 2.09 -16.66
C GLU C 111 19.89 2.51 -15.32
N ILE C 112 18.56 2.58 -15.15
CA ILE C 112 18.03 3.00 -13.86
C ILE C 112 18.40 2.04 -12.73
N VAL C 113 18.27 0.72 -12.93
CA VAL C 113 18.64 -0.26 -11.91
C VAL C 113 20.11 -0.20 -11.62
N GLU C 114 20.94 -0.10 -12.67
CA GLU C 114 22.37 -0.07 -12.48
C GLU C 114 22.78 1.23 -11.77
N THR C 115 22.06 2.34 -11.90
CA THR C 115 22.41 3.56 -11.20
C THR C 115 21.89 3.52 -9.77
N LEU C 116 20.69 3.00 -9.52
CA LEU C 116 20.17 2.86 -8.15
C LEU C 116 21.10 1.99 -7.35
N ALA C 117 21.55 0.91 -7.97
CA ALA C 117 22.51 0.02 -7.37
C ALA C 117 23.80 0.73 -6.98
N GLU C 118 24.31 1.58 -7.90
CA GLU C 118 25.55 2.31 -7.75
C GLU C 118 25.43 3.22 -6.57
N TYR C 119 24.32 3.96 -6.36
CA TYR C 119 24.28 4.89 -5.25
C TYR C 119 23.54 4.54 -3.97
N ALA C 120 22.53 3.68 -4.05
CA ALA C 120 21.86 3.20 -2.86
C ALA C 120 22.94 2.45 -2.10
N SER C 121 23.09 2.48 -0.79
CA SER C 121 24.17 1.63 -0.35
C SER C 121 23.63 0.27 -0.03
N VAL C 122 22.47 -0.18 -0.51
CA VAL C 122 21.93 -1.48 -0.12
C VAL C 122 21.79 -2.39 -1.31
N PRO C 123 21.62 -3.71 -1.24
CA PRO C 123 21.28 -4.49 -2.41
C PRO C 123 20.01 -4.06 -3.10
N VAL C 124 20.09 -4.00 -4.43
CA VAL C 124 18.99 -3.63 -5.33
C VAL C 124 18.74 -4.91 -6.15
N TRP C 125 17.50 -5.36 -6.12
CA TRP C 125 17.03 -6.54 -6.81
C TRP C 125 16.34 -6.11 -8.12
N ASN C 126 16.54 -6.71 -9.29
CA ASN C 126 15.85 -6.30 -10.50
C ASN C 126 14.60 -7.10 -10.85
N GLY C 127 13.47 -6.46 -10.57
CA GLY C 127 12.15 -7.02 -10.74
C GLY C 127 11.66 -7.11 -12.17
N LEU C 128 12.37 -6.41 -13.10
CA LEU C 128 12.22 -6.41 -14.55
C LEU C 128 12.56 -5.04 -15.03
N THR C 129 13.46 -4.99 -15.99
CA THR C 129 13.71 -3.78 -16.73
C THR C 129 13.38 -4.00 -18.20
N ASN C 130 13.63 -3.12 -19.14
CA ASN C 130 13.30 -3.41 -20.52
C ASN C 130 14.27 -4.46 -21.04
N GLU C 131 15.47 -4.48 -20.52
CA GLU C 131 16.51 -5.31 -21.01
C GLU C 131 16.53 -6.64 -20.34
N PHE C 132 16.22 -6.77 -19.07
CA PHE C 132 16.38 -8.05 -18.37
C PHE C 132 15.31 -8.35 -17.36
N HIS C 133 15.20 -9.64 -17.08
CA HIS C 133 14.19 -10.14 -16.21
C HIS C 133 14.75 -11.34 -15.46
N PRO C 134 15.80 -11.22 -14.63
CA PRO C 134 16.44 -12.36 -14.00
C PRO C 134 15.59 -13.14 -13.04
N THR C 135 14.89 -12.60 -12.04
CA THR C 135 14.06 -13.37 -11.08
C THR C 135 13.06 -14.36 -11.68
N GLN C 136 12.54 -14.03 -12.86
CA GLN C 136 11.64 -14.87 -13.61
C GLN C 136 12.37 -16.17 -13.85
N LEU C 137 13.48 -16.11 -14.59
CA LEU C 137 14.18 -17.29 -14.97
C LEU C 137 14.66 -18.08 -13.82
N LEU C 138 14.75 -17.52 -12.63
CA LEU C 138 15.07 -18.32 -11.45
C LEU C 138 13.89 -19.23 -11.16
N ALA C 139 12.68 -18.69 -11.14
CA ALA C 139 11.49 -19.48 -10.94
C ALA C 139 11.47 -20.56 -11.99
N ASP C 140 11.74 -20.21 -13.25
CA ASP C 140 11.70 -21.12 -14.37
C ASP C 140 12.71 -22.22 -14.21
N LEU C 141 14.00 -21.95 -14.07
CA LEU C 141 14.97 -22.99 -13.95
C LEU C 141 14.64 -23.92 -12.78
N LEU C 142 14.20 -23.39 -11.61
CA LEU C 142 13.69 -24.20 -10.48
C LEU C 142 12.47 -25.04 -10.91
N THR C 143 11.51 -24.53 -11.67
CA THR C 143 10.37 -25.32 -12.14
C THR C 143 10.83 -26.47 -13.06
N MET C 144 11.92 -26.21 -13.79
CA MET C 144 12.46 -27.19 -14.71
C MET C 144 13.12 -28.33 -13.90
N GLN C 145 13.94 -28.02 -12.88
CA GLN C 145 14.55 -29.01 -12.02
C GLN C 145 13.50 -29.95 -11.49
N GLU C 146 12.50 -29.37 -10.83
CA GLU C 146 11.41 -30.10 -10.22
C GLU C 146 10.67 -31.02 -11.19
N HIS C 147 10.47 -30.58 -12.43
CA HIS C 147 9.77 -31.44 -13.33
C HIS C 147 10.71 -32.34 -14.14
N LEU C 148 12.03 -32.34 -13.91
CA LEU C 148 12.93 -33.34 -14.46
C LEU C 148 13.96 -33.65 -13.36
N PRO C 149 13.56 -34.27 -12.23
CA PRO C 149 14.41 -34.48 -11.10
C PRO C 149 15.62 -35.28 -11.51
N GLY C 150 16.82 -34.81 -11.12
CA GLY C 150 18.05 -35.50 -11.45
C GLY C 150 18.62 -34.98 -12.77
N LYS C 151 17.84 -34.79 -13.86
CA LYS C 151 18.48 -34.39 -15.10
C LYS C 151 19.11 -33.03 -14.88
N ALA C 152 20.36 -32.87 -15.29
CA ALA C 152 21.04 -31.59 -15.17
C ALA C 152 20.57 -30.72 -16.31
N PHE C 153 20.61 -29.43 -16.13
CA PHE C 153 20.17 -28.49 -17.15
C PHE C 153 20.84 -28.65 -18.51
N ASN C 154 22.03 -29.28 -18.49
CA ASN C 154 22.79 -29.63 -19.70
C ASN C 154 22.03 -30.49 -20.67
N GLU C 155 21.11 -31.29 -20.13
CA GLU C 155 20.43 -32.32 -20.87
C GLU C 155 18.94 -32.09 -21.05
N MET C 156 18.53 -30.86 -20.82
CA MET C 156 17.11 -30.55 -21.01
C MET C 156 17.17 -29.66 -22.24
N THR C 157 16.13 -29.66 -23.05
CA THR C 157 16.02 -28.87 -24.25
C THR C 157 14.94 -27.84 -24.00
N LEU C 158 15.19 -26.55 -24.13
CA LEU C 158 14.13 -25.59 -23.89
C LEU C 158 13.74 -24.93 -25.18
N VAL C 159 12.47 -24.88 -25.52
CA VAL C 159 12.09 -24.09 -26.67
C VAL C 159 11.35 -22.85 -26.16
N TYR C 160 11.78 -21.66 -26.59
CA TYR C 160 11.10 -20.42 -26.28
C TYR C 160 10.73 -19.96 -27.68
N ALA C 161 9.42 -19.91 -27.86
CA ALA C 161 8.82 -19.64 -29.16
C ALA C 161 8.13 -18.30 -29.11
N GLY C 162 8.11 -17.57 -30.22
CA GLY C 162 7.41 -16.30 -30.24
C GLY C 162 8.40 -15.17 -30.32
N ASP C 163 8.11 -14.02 -29.73
CA ASP C 163 8.95 -12.83 -29.87
C ASP C 163 10.10 -12.89 -28.88
N ALA C 164 11.28 -12.53 -29.31
CA ALA C 164 12.42 -12.80 -28.48
C ALA C 164 13.36 -11.63 -28.51
N ARG C 165 13.14 -10.54 -29.25
CA ARG C 165 14.09 -9.42 -29.22
C ARG C 165 13.50 -8.57 -28.10
N ASN C 166 13.77 -8.98 -26.86
CA ASN C 166 13.11 -8.37 -25.71
C ASN C 166 13.77 -8.94 -24.47
N ASN C 167 13.39 -8.47 -23.29
CA ASN C 167 13.95 -8.95 -22.05
C ASN C 167 13.68 -10.39 -21.78
N MET C 168 12.66 -11.01 -22.36
CA MET C 168 12.45 -12.44 -22.16
C MET C 168 13.47 -13.19 -22.97
N GLY C 169 13.70 -12.75 -24.22
CA GLY C 169 14.65 -13.37 -25.11
C GLY C 169 16.05 -13.19 -24.57
N ASN C 170 16.41 -11.95 -24.18
CA ASN C 170 17.70 -11.69 -23.56
C ASN C 170 17.88 -12.57 -22.34
N SER C 171 16.90 -12.68 -21.46
CA SER C 171 17.01 -13.52 -20.27
C SER C 171 17.16 -15.00 -20.58
N MET C 172 16.51 -15.55 -21.62
CA MET C 172 16.70 -16.95 -21.96
C MET C 172 18.15 -17.07 -22.32
N LEU C 173 18.70 -16.15 -23.12
CA LEU C 173 20.10 -16.24 -23.51
C LEU C 173 21.01 -16.31 -22.31
N GLU C 174 20.88 -15.40 -21.33
CA GLU C 174 21.69 -15.44 -20.12
C GLU C 174 21.51 -16.72 -19.31
N ALA C 175 20.30 -17.27 -19.34
CA ALA C 175 20.02 -18.54 -18.69
C ALA C 175 20.82 -19.64 -19.41
N ALA C 176 20.76 -19.75 -20.75
CA ALA C 176 21.45 -20.83 -21.46
C ALA C 176 22.92 -20.75 -21.14
N ALA C 177 23.49 -19.55 -21.19
CA ALA C 177 24.92 -19.33 -20.93
C ALA C 177 25.43 -19.83 -19.58
N LEU C 178 24.62 -19.65 -18.54
CA LEU C 178 25.01 -20.10 -17.23
C LEU C 178 24.58 -21.50 -16.95
N THR C 179 23.94 -22.15 -17.90
CA THR C 179 23.32 -23.43 -17.62
C THR C 179 23.77 -24.59 -18.47
N GLY C 180 23.97 -24.33 -19.76
CA GLY C 180 24.39 -25.35 -20.70
C GLY C 180 23.13 -25.97 -21.33
N LEU C 181 22.03 -25.20 -21.42
CA LEU C 181 20.81 -25.69 -22.02
C LEU C 181 20.83 -25.63 -23.52
N ASP C 182 20.26 -26.66 -24.11
CA ASP C 182 20.01 -26.70 -25.55
C ASP C 182 18.79 -25.78 -25.66
N LEU C 183 19.03 -24.48 -25.93
CA LEU C 183 17.93 -23.52 -25.97
C LEU C 183 17.64 -23.14 -27.40
N ARG C 184 16.39 -23.22 -27.82
CA ARG C 184 16.04 -22.92 -29.20
C ARG C 184 15.05 -21.79 -29.20
N LEU C 185 15.43 -20.69 -29.80
CA LEU C 185 14.50 -19.58 -29.89
C LEU C 185 13.92 -19.76 -31.27
N VAL C 186 12.62 -20.10 -31.24
CA VAL C 186 11.80 -20.41 -32.41
C VAL C 186 10.95 -19.14 -32.61
N ALA C 187 11.58 -18.11 -33.17
CA ALA C 187 11.01 -16.77 -33.39
C ALA C 187 11.18 -16.32 -34.82
N PRO C 188 10.34 -15.48 -35.42
CA PRO C 188 10.64 -14.94 -36.75
C PRO C 188 11.92 -14.09 -36.61
N GLN C 189 12.74 -13.94 -37.65
CA GLN C 189 13.98 -13.21 -37.53
C GLN C 189 13.79 -11.79 -37.08
N ALA C 190 12.68 -11.14 -37.46
CA ALA C 190 12.49 -9.75 -37.05
C ALA C 190 12.48 -9.67 -35.50
N CYS C 191 12.18 -10.82 -34.90
CA CYS C 191 12.09 -10.94 -33.50
C CYS C 191 13.26 -11.67 -32.84
N TRP C 192 14.48 -11.75 -33.40
CA TRP C 192 15.56 -12.44 -32.68
C TRP C 192 16.32 -11.56 -31.63
N PRO C 193 16.87 -12.09 -30.52
CA PRO C 193 17.55 -11.32 -29.45
C PRO C 193 18.86 -10.71 -29.95
N GLU C 194 19.21 -9.47 -29.58
CA GLU C 194 20.34 -8.76 -30.19
C GLU C 194 21.66 -9.56 -30.29
N ALA C 195 22.06 -9.63 -31.54
CA ALA C 195 23.20 -10.39 -32.02
C ALA C 195 24.30 -10.58 -31.03
N ALA C 196 24.99 -9.53 -30.56
CA ALA C 196 26.15 -9.78 -29.70
C ALA C 196 25.79 -10.63 -28.48
N LEU C 197 24.69 -10.38 -27.77
CA LEU C 197 24.35 -11.16 -26.62
C LEU C 197 24.27 -12.61 -27.06
N VAL C 198 23.69 -12.92 -28.24
CA VAL C 198 23.60 -14.30 -28.74
C VAL C 198 25.02 -14.77 -28.98
N THR C 199 25.93 -13.96 -29.49
CA THR C 199 27.31 -14.39 -29.70
C THR C 199 27.99 -14.79 -28.37
N GLU C 200 27.81 -13.93 -27.36
CA GLU C 200 28.41 -14.12 -26.07
C GLU C 200 27.80 -15.33 -25.38
N CYS C 201 26.46 -15.34 -25.29
CA CYS C 201 25.68 -16.33 -24.60
C CYS C 201 25.80 -17.72 -25.12
N ARG C 202 25.87 -17.87 -26.46
CA ARG C 202 26.04 -19.19 -27.13
C ARG C 202 27.42 -19.74 -26.85
N ALA C 203 28.50 -18.94 -26.90
CA ALA C 203 29.82 -19.45 -26.57
C ALA C 203 29.84 -19.87 -25.11
N LEU C 204 29.25 -19.14 -24.16
CA LEU C 204 29.19 -19.62 -22.78
C LEU C 204 28.31 -20.87 -22.67
N ALA C 205 27.19 -20.91 -23.38
CA ALA C 205 26.26 -22.02 -23.36
C ALA C 205 26.96 -23.30 -23.73
N GLN C 206 27.60 -23.28 -24.91
CA GLN C 206 28.36 -24.39 -25.44
C GLN C 206 29.43 -24.89 -24.46
N GLN C 207 30.17 -23.89 -23.97
CA GLN C 207 31.22 -24.09 -23.02
C GLN C 207 30.69 -24.84 -21.81
N ASN C 208 29.39 -24.76 -21.57
CA ASN C 208 28.83 -25.46 -20.42
C ASN C 208 28.07 -26.70 -20.77
N GLY C 209 27.98 -27.05 -22.05
CA GLY C 209 27.33 -28.28 -22.48
C GLY C 209 26.01 -28.09 -23.23
N GLY C 210 25.58 -26.87 -23.56
CA GLY C 210 24.40 -26.66 -24.37
C GLY C 210 24.83 -25.89 -25.59
N ASN C 211 23.92 -25.20 -26.27
CA ASN C 211 24.21 -24.37 -27.43
C ASN C 211 22.92 -23.67 -27.78
N ILE C 212 22.99 -22.41 -28.25
CA ILE C 212 21.80 -21.61 -28.56
C ILE C 212 21.52 -21.67 -30.04
N THR C 213 20.35 -22.11 -30.47
CA THR C 213 20.08 -22.27 -31.87
C THR C 213 18.95 -21.34 -32.19
N LEU C 214 19.25 -20.39 -33.06
CA LEU C 214 18.26 -19.41 -33.52
C LEU C 214 17.61 -19.94 -34.81
N THR C 215 16.26 -20.08 -34.89
CA THR C 215 15.63 -20.58 -36.09
C THR C 215 14.33 -19.83 -36.31
N GLU C 216 13.63 -20.13 -37.43
CA GLU C 216 12.28 -19.64 -37.74
C GLU C 216 11.41 -20.87 -37.91
N ASP C 217 11.94 -22.09 -38.16
CA ASP C 217 11.05 -23.23 -38.35
C ASP C 217 10.55 -23.77 -37.04
N VAL C 218 9.22 -23.96 -36.97
CA VAL C 218 8.60 -24.47 -35.77
C VAL C 218 9.07 -25.88 -35.61
N ALA C 219 8.74 -26.74 -36.60
CA ALA C 219 9.14 -28.14 -36.59
C ALA C 219 10.59 -28.41 -36.18
N LYS C 220 11.49 -27.76 -36.93
CA LYS C 220 12.93 -27.86 -36.78
C LYS C 220 13.34 -27.55 -35.38
N GLY C 221 12.97 -26.37 -34.85
CA GLY C 221 13.38 -25.89 -33.53
C GLY C 221 12.77 -26.63 -32.37
N VAL C 222 11.48 -26.95 -32.44
CA VAL C 222 10.74 -27.75 -31.45
C VAL C 222 11.19 -29.23 -31.37
N GLU C 223 11.78 -29.78 -32.48
CA GLU C 223 12.30 -31.13 -32.67
C GLU C 223 12.25 -31.91 -31.39
N GLY C 224 13.21 -31.85 -30.44
CA GLY C 224 13.05 -32.72 -29.27
C GLY C 224 12.88 -31.99 -27.93
N ALA C 225 11.89 -31.06 -27.91
CA ALA C 225 11.72 -30.20 -26.76
C ALA C 225 11.32 -30.97 -25.50
N ASP C 226 11.94 -30.48 -24.43
CA ASP C 226 11.69 -30.91 -23.07
C ASP C 226 10.57 -30.11 -22.41
N PHE C 227 10.70 -28.81 -22.67
CA PHE C 227 9.78 -27.76 -22.23
C PHE C 227 9.53 -26.81 -23.40
N ILE C 228 8.33 -26.28 -23.56
CA ILE C 228 8.10 -25.25 -24.56
C ILE C 228 7.53 -24.11 -23.76
N TYR C 229 8.07 -22.97 -24.11
CA TYR C 229 7.87 -21.75 -23.40
C TYR C 229 7.42 -20.70 -24.40
N THR C 230 6.48 -19.85 -24.02
CA THR C 230 6.09 -18.72 -24.79
C THR C 230 5.58 -17.68 -23.77
N ASP C 231 5.21 -16.57 -24.37
CA ASP C 231 4.60 -15.43 -23.71
C ASP C 231 3.86 -14.57 -24.72
N VAL C 232 3.02 -13.65 -24.26
CA VAL C 232 2.16 -12.76 -25.02
C VAL C 232 2.83 -12.14 -26.23
N TRP C 233 2.11 -11.98 -27.33
CA TRP C 233 2.67 -11.46 -28.58
C TRP C 233 2.61 -9.96 -28.65
N VAL C 234 1.45 -9.41 -28.37
CA VAL C 234 1.26 -7.98 -28.57
C VAL C 234 1.37 -7.18 -27.29
N ARG C 246 1.92 -7.63 -35.55
CA ARG C 246 2.47 -8.48 -34.48
C ARG C 246 1.80 -9.86 -34.54
N ILE C 247 0.48 -9.91 -34.40
CA ILE C 247 -0.26 -11.16 -34.55
C ILE C 247 0.09 -11.74 -35.93
N ALA C 248 0.43 -10.84 -36.87
CA ALA C 248 0.83 -11.22 -38.21
C ALA C 248 2.05 -12.14 -38.20
N LEU C 249 3.26 -11.62 -37.90
CA LEU C 249 4.41 -12.52 -37.98
C LEU C 249 4.45 -13.56 -36.87
N LEU C 250 3.75 -13.23 -35.77
CA LEU C 250 3.77 -14.11 -34.64
C LEU C 250 2.75 -15.23 -34.68
N ARG C 251 1.66 -15.05 -35.41
CA ARG C 251 0.58 -16.03 -35.51
C ARG C 251 1.05 -17.49 -35.57
N GLU C 252 1.81 -17.85 -36.64
CA GLU C 252 2.38 -19.20 -36.83
C GLU C 252 3.25 -19.73 -35.71
N TYR C 253 3.51 -18.92 -34.67
CA TYR C 253 4.30 -19.37 -33.56
C TYR C 253 3.49 -19.76 -32.35
N GLN C 254 2.15 -19.63 -32.41
CA GLN C 254 1.27 -20.07 -31.34
C GLN C 254 1.60 -21.44 -30.76
N VAL C 255 1.77 -21.64 -29.46
CA VAL C 255 2.02 -22.98 -28.90
C VAL C 255 0.63 -23.59 -28.82
N ASN C 256 0.43 -24.61 -29.63
CA ASN C 256 -0.82 -25.34 -29.63
C ASN C 256 -0.46 -26.80 -29.56
N SER C 257 -1.43 -27.73 -29.46
CA SER C 257 -1.04 -29.14 -29.31
C SER C 257 -0.25 -29.70 -30.51
N LYS C 258 -0.34 -29.07 -31.69
CA LYS C 258 0.45 -29.50 -32.83
C LYS C 258 1.92 -29.24 -32.55
N MET C 259 2.22 -28.10 -31.89
CA MET C 259 3.59 -27.77 -31.55
C MET C 259 4.08 -28.75 -30.53
N MET C 260 3.23 -29.00 -29.56
CA MET C 260 3.60 -29.94 -28.54
C MET C 260 3.89 -31.28 -29.23
N GLN C 261 3.06 -31.68 -30.19
CA GLN C 261 3.25 -32.95 -30.88
C GLN C 261 4.53 -32.95 -31.68
N LEU C 262 4.79 -31.88 -32.43
CA LEU C 262 6.02 -31.79 -33.21
C LEU C 262 7.30 -31.92 -32.36
N THR C 263 7.26 -32.16 -31.02
CA THR C 263 8.49 -32.39 -30.31
C THR C 263 8.86 -33.86 -30.43
N GLY C 264 7.93 -34.70 -30.90
CA GLY C 264 8.10 -36.14 -30.88
C GLY C 264 8.30 -36.61 -29.44
N ASN C 265 7.97 -35.83 -28.38
CA ASN C 265 8.26 -36.20 -26.97
C ASN C 265 6.94 -36.21 -26.17
N PRO C 266 6.37 -37.33 -25.72
CA PRO C 266 5.10 -37.37 -25.00
C PRO C 266 5.24 -36.69 -23.61
N GLU C 267 6.42 -36.37 -23.03
CA GLU C 267 6.45 -35.75 -21.73
C GLU C 267 6.85 -34.26 -21.81
N VAL C 268 6.67 -33.62 -22.99
CA VAL C 268 6.95 -32.19 -23.12
C VAL C 268 6.06 -31.43 -22.13
N LYS C 269 6.56 -30.53 -21.28
CA LYS C 269 5.73 -29.75 -20.35
C LYS C 269 5.80 -28.28 -20.84
N PHE C 270 4.79 -27.40 -20.64
CA PHE C 270 4.64 -26.01 -21.10
C PHE C 270 4.77 -24.97 -19.97
N LEU C 271 5.40 -23.81 -20.24
CA LEU C 271 5.70 -22.73 -19.29
C LEU C 271 5.26 -21.41 -19.89
N HIS C 272 4.84 -20.46 -19.09
CA HIS C 272 4.49 -19.13 -19.57
C HIS C 272 4.67 -18.20 -18.39
N CYS C 273 5.39 -17.08 -18.45
CA CYS C 273 5.46 -16.14 -17.32
C CYS C 273 4.08 -15.51 -17.38
N LEU C 274 3.10 -15.64 -16.52
CA LEU C 274 1.77 -15.08 -16.81
C LEU C 274 1.71 -13.55 -16.80
N PRO C 275 0.74 -12.76 -17.31
CA PRO C 275 -0.55 -13.18 -17.84
C PRO C 275 -0.52 -13.84 -19.24
N ALA C 276 -1.55 -14.61 -19.61
CA ALA C 276 -1.49 -15.29 -20.90
C ALA C 276 -2.79 -15.12 -21.66
N PHE C 277 -2.83 -15.00 -22.97
CA PHE C 277 -4.11 -14.90 -23.60
C PHE C 277 -4.43 -16.25 -24.21
N HIS C 278 -5.16 -17.06 -23.42
CA HIS C 278 -5.59 -18.37 -23.90
C HIS C 278 -7.11 -18.56 -24.06
N ASP C 279 -7.90 -17.75 -23.33
CA ASP C 279 -9.35 -17.75 -23.38
C ASP C 279 -9.85 -16.96 -24.55
N ASP C 280 -11.11 -17.29 -24.79
CA ASP C 280 -12.03 -16.63 -25.71
C ASP C 280 -13.09 -16.04 -24.76
N GLN C 281 -12.68 -15.71 -23.56
CA GLN C 281 -13.53 -15.13 -22.58
C GLN C 281 -12.99 -13.73 -22.41
N THR C 282 -11.87 -13.67 -21.67
CA THR C 282 -11.24 -12.44 -21.32
C THR C 282 -11.44 -11.33 -22.32
N THR C 283 -12.38 -10.46 -21.90
CA THR C 283 -12.86 -9.34 -22.68
C THR C 283 -11.92 -8.94 -23.84
N LEU C 284 -10.67 -8.56 -23.45
CA LEU C 284 -9.63 -8.13 -24.40
C LEU C 284 -9.36 -9.24 -25.42
N GLY C 285 -8.97 -10.40 -24.88
CA GLY C 285 -8.67 -11.59 -25.66
C GLY C 285 -9.82 -11.94 -26.60
N LYS C 286 -11.05 -11.72 -26.12
CA LYS C 286 -12.18 -12.10 -26.94
C LYS C 286 -12.17 -11.27 -28.25
N LYS C 287 -11.82 -9.98 -28.07
CA LYS C 287 -11.74 -9.09 -29.18
C LYS C 287 -10.65 -9.66 -30.05
N MET C 288 -9.52 -10.13 -29.49
CA MET C 288 -8.49 -10.67 -30.39
C MET C 288 -8.98 -11.89 -31.17
N ALA C 289 -9.88 -12.64 -30.53
CA ALA C 289 -10.42 -13.82 -31.13
C ALA C 289 -11.32 -13.39 -32.28
N GLU C 290 -12.09 -12.34 -32.09
CA GLU C 290 -12.98 -11.92 -33.16
C GLU C 290 -12.02 -11.24 -34.16
N GLU C 291 -11.71 -9.98 -33.92
CA GLU C 291 -10.78 -9.15 -34.66
C GLU C 291 -9.63 -9.71 -35.51
N PHE C 292 -8.96 -10.76 -35.10
CA PHE C 292 -7.93 -11.33 -35.93
C PHE C 292 -8.13 -12.83 -35.93
N GLY C 293 -9.20 -13.33 -35.33
CA GLY C 293 -9.57 -14.70 -35.47
C GLY C 293 -8.82 -15.70 -34.60
N LEU C 294 -8.07 -15.35 -33.55
CA LEU C 294 -7.33 -16.35 -32.77
C LEU C 294 -8.28 -16.97 -31.76
N HIS C 295 -9.15 -17.83 -32.24
CA HIS C 295 -10.11 -18.45 -31.34
C HIS C 295 -9.33 -19.64 -30.62
N GLY C 296 -9.77 -20.11 -29.45
CA GLY C 296 -9.02 -21.03 -28.60
C GLY C 296 -7.82 -20.31 -27.97
N GLY C 297 -7.70 -19.03 -28.19
CA GLY C 297 -6.55 -18.34 -27.65
C GLY C 297 -5.57 -17.79 -28.68
N MET C 298 -4.75 -16.89 -28.11
CA MET C 298 -3.78 -16.19 -28.90
C MET C 298 -2.44 -16.84 -28.83
N GLU C 299 -1.53 -16.56 -27.88
CA GLU C 299 -0.22 -17.18 -28.00
C GLU C 299 -0.22 -18.62 -27.51
N VAL C 300 -1.00 -19.01 -26.52
CA VAL C 300 -1.07 -20.42 -26.17
C VAL C 300 -2.53 -20.75 -26.42
N THR C 301 -2.81 -21.95 -26.87
CA THR C 301 -4.20 -22.33 -26.96
C THR C 301 -4.68 -22.66 -25.53
N ASP C 302 -5.93 -22.39 -25.19
CA ASP C 302 -6.48 -22.82 -23.92
C ASP C 302 -6.32 -24.34 -23.75
N GLU C 303 -6.48 -25.18 -24.78
CA GLU C 303 -6.31 -26.60 -24.55
C GLU C 303 -4.88 -26.94 -24.16
N VAL C 304 -3.86 -26.22 -24.62
CA VAL C 304 -2.50 -26.49 -24.08
C VAL C 304 -2.34 -25.85 -22.71
N PHE C 305 -2.81 -24.59 -22.47
CA PHE C 305 -2.69 -23.90 -21.18
C PHE C 305 -3.35 -24.72 -20.06
N GLU C 306 -4.48 -25.39 -20.35
CA GLU C 306 -5.13 -26.14 -19.33
C GLU C 306 -4.79 -27.62 -19.51
N SER C 307 -3.70 -27.93 -20.24
CA SER C 307 -3.22 -29.27 -20.47
C SER C 307 -2.59 -29.87 -19.23
N ALA C 308 -2.69 -31.20 -19.25
CA ALA C 308 -1.95 -32.01 -18.30
C ALA C 308 -0.47 -31.68 -18.50
N ALA C 309 -0.12 -31.17 -19.67
CA ALA C 309 1.23 -30.71 -19.96
C ALA C 309 1.65 -29.37 -19.38
N SER C 310 0.79 -28.46 -18.86
CA SER C 310 1.31 -27.17 -18.38
C SER C 310 1.70 -27.16 -16.93
N ILE C 311 2.86 -26.51 -16.71
CA ILE C 311 3.38 -26.37 -15.38
C ILE C 311 3.36 -24.91 -14.99
N VAL C 312 2.52 -24.16 -15.71
CA VAL C 312 2.32 -22.73 -15.53
C VAL C 312 2.10 -22.22 -14.11
N PHE C 313 1.30 -22.90 -13.30
CA PHE C 313 1.06 -22.37 -11.96
C PHE C 313 2.08 -22.83 -10.96
N ASP C 314 2.85 -23.85 -11.26
CA ASP C 314 3.95 -24.20 -10.38
C ASP C 314 4.96 -23.11 -10.68
N GLN C 315 5.13 -22.70 -11.94
CA GLN C 315 6.07 -21.66 -12.38
C GLN C 315 5.75 -20.37 -11.67
N ALA C 316 4.45 -20.06 -11.51
CA ALA C 316 3.96 -18.87 -10.85
C ALA C 316 4.29 -18.97 -9.40
N GLU C 317 4.14 -20.10 -8.74
CA GLU C 317 4.42 -20.26 -7.31
C GLU C 317 5.92 -20.12 -7.04
N ASN C 318 6.71 -20.65 -7.96
CA ASN C 318 8.13 -20.59 -7.87
C ASN C 318 8.67 -19.20 -8.00
N ARG C 319 7.91 -18.25 -8.51
CA ARG C 319 8.33 -16.87 -8.51
C ARG C 319 8.64 -16.45 -7.08
N MET C 320 7.85 -16.90 -6.13
CA MET C 320 8.01 -16.50 -4.75
C MET C 320 9.23 -17.17 -4.16
N HIS C 321 9.47 -18.46 -4.41
CA HIS C 321 10.53 -19.18 -3.71
C HIS C 321 11.90 -18.72 -4.11
N THR C 322 12.02 -18.22 -5.34
CA THR C 322 13.27 -17.69 -5.84
C THR C 322 13.50 -16.22 -5.48
N ILE C 323 12.50 -15.36 -5.38
CA ILE C 323 12.71 -13.99 -4.91
C ILE C 323 13.18 -14.05 -3.48
N LYS C 324 12.61 -15.00 -2.70
CA LYS C 324 12.98 -15.21 -1.31
C LYS C 324 14.44 -15.64 -1.31
N ALA C 325 14.87 -16.59 -2.15
CA ALA C 325 16.25 -17.01 -2.23
C ALA C 325 17.14 -15.82 -2.50
N VAL C 326 16.81 -14.95 -3.47
CA VAL C 326 17.62 -13.77 -3.79
C VAL C 326 17.81 -12.93 -2.54
N MET C 327 16.73 -12.56 -1.87
CA MET C 327 16.75 -11.79 -0.63
C MET C 327 17.48 -12.46 0.52
N VAL C 328 17.27 -13.74 0.81
CA VAL C 328 17.99 -14.40 1.90
C VAL C 328 19.48 -14.46 1.56
N ALA C 329 19.86 -14.75 0.34
CA ALA C 329 21.23 -14.86 -0.10
C ALA C 329 21.97 -13.53 0.09
N THR C 330 21.32 -12.41 -0.14
CA THR C 330 22.01 -11.15 -0.18
C THR C 330 21.82 -10.29 1.04
N LEU C 331 20.83 -10.56 1.88
CA LEU C 331 20.74 -9.83 3.12
C LEU C 331 21.19 -10.68 4.28
N SER C 332 21.39 -11.98 4.20
CA SER C 332 21.80 -12.71 5.36
C SER C 332 23.05 -13.52 5.11
N LYS C 333 23.60 -14.20 6.13
CA LYS C 333 24.74 -15.13 5.93
C LYS C 333 24.49 -16.60 6.22
#